data_2K6D
#
_entry.id   2K6D
#
_cell.length_a   1.000
_cell.length_b   1.000
_cell.length_c   1.000
_cell.angle_alpha   90.00
_cell.angle_beta   90.00
_cell.angle_gamma   90.00
#
_symmetry.space_group_name_H-M   'P 1'
#
loop_
_entity.id
_entity.type
_entity.pdbx_description
1 polymer 'SH3 domain-containing kinase-binding protein 1'
2 polymer Ubiquitin
#
loop_
_entity_poly.entity_id
_entity_poly.type
_entity_poly.pdbx_seq_one_letter_code
_entity_poly.pdbx_strand_id
1 'polypeptide(L)' KSKDYCKVIFPYEAQNDDELTIKEGDIVTLINKDCIDVGWWEGELNGRRGVFPDNFVKLLPP A
2 'polypeptide(L)' MQIFVKTLTGKTITLEVEPSDTIENVKAKIQDKEGIPPDQQRLIFAGKQLEDGRTLSDYNIQKESTLHLVLRLRGC B
#
# COMPACT_ATOMS: atom_id res chain seq x y z
N LYS A 1 10.83 21.68 11.91
CA LYS A 1 10.54 21.34 13.32
C LYS A 1 11.20 20.05 13.68
N SER A 2 11.02 19.65 14.95
CA SER A 2 11.62 18.46 15.46
C SER A 2 11.08 17.24 14.77
N LYS A 3 9.75 17.02 14.81
CA LYS A 3 9.19 15.84 14.21
C LYS A 3 8.82 16.12 12.79
N ASP A 4 8.54 15.05 12.02
CA ASP A 4 8.22 15.17 10.62
C ASP A 4 6.77 14.81 10.41
N TYR A 5 6.06 15.61 9.59
CA TYR A 5 4.68 15.32 9.26
C TYR A 5 4.63 14.85 7.85
N CYS A 6 3.88 13.76 7.61
CA CYS A 6 3.82 13.16 6.30
C CYS A 6 2.37 12.97 5.92
N LYS A 7 2.01 13.33 4.66
CA LYS A 7 0.66 13.18 4.18
C LYS A 7 0.55 11.85 3.49
N VAL A 8 -0.55 11.09 3.76
CA VAL A 8 -0.63 9.79 3.14
C VAL A 8 -1.55 9.84 1.95
N ILE A 9 -0.95 9.61 0.78
CA ILE A 9 -1.67 9.63 -0.51
C ILE A 9 -2.46 8.35 -0.77
N PHE A 10 -1.92 7.21 -0.34
CA PHE A 10 -2.59 5.92 -0.55
C PHE A 10 -3.15 5.38 0.77
N PRO A 11 -4.41 5.71 1.09
CA PRO A 11 -5.06 5.26 2.33
C PRO A 11 -5.42 3.77 2.30
N TYR A 12 -5.24 3.13 3.44
CA TYR A 12 -5.58 1.73 3.60
C TYR A 12 -6.91 1.59 4.32
N GLU A 13 -7.06 0.50 5.06
CA GLU A 13 -8.27 0.24 5.84
C GLU A 13 -7.93 -0.78 6.93
N ALA A 14 -8.56 -0.62 8.09
CA ALA A 14 -8.36 -1.49 9.26
C ALA A 14 -7.96 -2.92 8.90
N GLN A 15 -6.65 -3.18 8.95
CA GLN A 15 -6.12 -4.47 8.64
C GLN A 15 -6.10 -5.31 9.87
N ASN A 16 -5.69 -4.74 11.01
CA ASN A 16 -5.57 -5.52 12.23
C ASN A 16 -5.85 -4.66 13.46
N ASP A 17 -5.81 -5.30 14.63
CA ASP A 17 -6.04 -4.63 15.90
C ASP A 17 -4.77 -3.95 16.38
N ASP A 18 -3.64 -4.57 16.10
CA ASP A 18 -2.33 -4.03 16.50
C ASP A 18 -1.83 -3.01 15.48
N GLU A 19 -2.56 -2.84 14.39
CA GLU A 19 -2.19 -1.92 13.36
C GLU A 19 -3.05 -0.70 13.46
N LEU A 20 -2.44 0.44 13.10
CA LEU A 20 -3.10 1.75 13.17
C LEU A 20 -3.91 2.01 11.92
N THR A 21 -5.17 2.45 12.05
CA THR A 21 -5.94 2.65 10.86
C THR A 21 -5.84 4.09 10.49
N ILE A 22 -5.41 4.37 9.23
CA ILE A 22 -5.25 5.71 8.75
C ILE A 22 -5.98 5.84 7.45
N LYS A 23 -6.62 7.00 7.25
CA LYS A 23 -7.38 7.28 6.02
C LYS A 23 -6.76 8.47 5.34
N GLU A 24 -7.07 8.68 4.05
CA GLU A 24 -6.40 9.74 3.36
C GLU A 24 -6.98 11.02 3.79
N GLY A 25 -6.10 12.04 3.94
CA GLY A 25 -6.53 13.33 4.35
C GLY A 25 -6.35 13.50 5.83
N ASP A 26 -5.46 12.71 6.47
CA ASP A 26 -5.19 12.89 7.86
C ASP A 26 -3.71 12.96 8.11
N ILE A 27 -3.31 13.68 9.18
CA ILE A 27 -1.94 13.88 9.53
C ILE A 27 -1.67 13.10 10.78
N VAL A 28 -0.54 12.36 10.81
CA VAL A 28 -0.21 11.58 11.97
C VAL A 28 1.13 12.00 12.47
N THR A 29 1.26 12.19 13.79
CA THR A 29 2.51 12.65 14.32
C THR A 29 3.41 11.47 14.55
N LEU A 30 4.62 11.52 13.98
CA LEU A 30 5.53 10.41 14.08
C LEU A 30 6.06 10.35 15.48
N ILE A 31 5.68 9.28 16.21
CA ILE A 31 6.12 9.03 17.56
C ILE A 31 7.55 8.59 17.59
N ASN A 32 7.91 7.55 16.81
CA ASN A 32 9.27 7.06 16.85
C ASN A 32 9.58 6.43 15.52
N LYS A 33 10.85 6.49 15.09
CA LYS A 33 11.25 5.94 13.81
C LYS A 33 11.43 4.45 13.92
N ASP A 34 11.46 3.80 12.73
CA ASP A 34 11.61 2.37 12.58
C ASP A 34 13.05 2.01 12.49
N CYS A 35 13.32 0.71 12.52
CA CYS A 35 14.69 0.16 12.42
C CYS A 35 15.34 0.47 11.05
N ILE A 36 15.96 -0.52 10.42
CA ILE A 36 16.65 -0.33 9.15
C ILE A 36 15.69 -0.31 7.96
N ASP A 37 14.87 -1.35 7.83
CA ASP A 37 13.92 -1.48 6.72
C ASP A 37 13.03 -0.24 6.58
N VAL A 38 13.21 0.49 5.49
CA VAL A 38 12.41 1.68 5.22
C VAL A 38 11.08 1.28 4.58
N GLY A 39 10.02 1.38 5.37
CA GLY A 39 8.70 1.01 4.91
C GLY A 39 7.73 0.86 6.06
N TRP A 40 8.28 0.85 7.26
CA TRP A 40 7.47 0.74 8.46
C TRP A 40 7.73 1.93 9.39
N TRP A 41 6.74 2.22 10.25
CA TRP A 41 6.80 3.32 11.22
C TRP A 41 5.64 3.15 12.20
N GLU A 42 5.48 4.10 13.11
CA GLU A 42 4.38 4.08 14.03
C GLU A 42 3.92 5.48 14.27
N GLY A 43 2.59 5.67 14.42
CA GLY A 43 2.05 6.97 14.69
C GLY A 43 0.76 6.80 15.44
N GLU A 44 0.21 7.91 15.98
CA GLU A 44 -1.03 7.80 16.71
C GLU A 44 -2.11 8.52 15.96
N LEU A 45 -3.26 7.82 15.77
CA LEU A 45 -4.36 8.41 15.11
C LEU A 45 -5.61 7.94 15.77
N ASN A 46 -6.56 8.87 16.03
CA ASN A 46 -7.81 8.49 16.61
C ASN A 46 -7.56 7.77 17.89
N GLY A 47 -6.55 8.21 18.67
CA GLY A 47 -6.32 7.63 19.95
C GLY A 47 -5.88 6.21 19.83
N ARG A 48 -5.10 5.87 18.79
CA ARG A 48 -4.67 4.51 18.65
C ARG A 48 -3.19 4.50 18.38
N ARG A 49 -2.54 3.35 18.62
CA ARG A 49 -1.15 3.25 18.29
C ARG A 49 -0.95 2.02 17.48
N GLY A 50 -0.36 2.18 16.28
CA GLY A 50 -0.17 1.04 15.42
C GLY A 50 0.81 1.39 14.35
N VAL A 51 1.35 0.35 13.69
CA VAL A 51 2.35 0.52 12.62
C VAL A 51 1.71 0.47 11.24
N PHE A 52 2.32 1.16 10.27
CA PHE A 52 1.80 1.18 8.94
C PHE A 52 2.90 1.42 7.94
N PRO A 53 2.75 0.92 6.73
CA PRO A 53 3.74 1.14 5.71
C PRO A 53 3.77 2.55 5.26
N ASP A 54 4.93 3.18 5.40
CA ASP A 54 5.12 4.58 5.02
C ASP A 54 5.28 4.75 3.52
N ASN A 55 5.38 3.64 2.79
CA ASN A 55 5.50 3.72 1.35
C ASN A 55 4.27 4.37 0.79
N PHE A 56 3.13 3.99 1.35
CA PHE A 56 1.83 4.49 0.94
C PHE A 56 1.71 6.00 1.18
N VAL A 57 2.78 6.62 1.67
CA VAL A 57 2.78 8.03 1.97
C VAL A 57 4.04 8.68 1.38
N LYS A 58 3.98 9.97 1.12
CA LYS A 58 5.13 10.69 0.59
C LYS A 58 5.56 11.74 1.60
N LEU A 59 6.76 12.28 1.45
CA LEU A 59 7.27 13.28 2.34
C LEU A 59 6.96 14.61 1.75
N LEU A 60 6.46 15.54 2.59
CA LEU A 60 6.19 16.83 2.06
C LEU A 60 7.43 17.63 2.26
N PRO A 61 7.90 18.26 1.22
CA PRO A 61 9.14 18.97 1.29
C PRO A 61 9.15 20.14 2.23
N PRO A 62 8.09 20.87 2.41
CA PRO A 62 8.19 21.97 3.34
C PRO A 62 7.88 21.48 4.70
N MET B 1 -2.19 -2.11 -20.85
CA MET B 1 -1.45 -1.09 -20.05
C MET B 1 -0.61 -1.78 -18.98
N GLN B 2 0.49 -1.14 -18.61
CA GLN B 2 1.39 -1.70 -17.59
C GLN B 2 1.09 -1.08 -16.23
N ILE B 3 1.15 -1.93 -15.21
CA ILE B 3 0.94 -1.51 -13.82
C ILE B 3 2.19 -1.80 -12.99
N PHE B 4 2.37 -1.08 -11.88
CA PHE B 4 3.56 -1.26 -11.03
C PHE B 4 3.16 -1.64 -9.61
N VAL B 5 3.90 -2.59 -9.01
CA VAL B 5 3.65 -3.00 -7.62
C VAL B 5 4.91 -2.76 -6.80
N LYS B 6 4.79 -1.99 -5.72
CA LYS B 6 5.94 -1.71 -4.84
C LYS B 6 5.89 -2.59 -3.60
N THR B 7 7.04 -3.12 -3.22
CA THR B 7 7.16 -3.94 -2.02
C THR B 7 7.52 -3.08 -0.80
N LEU B 8 8.24 -3.70 0.16
CA LEU B 8 8.65 -3.03 1.38
C LEU B 8 9.57 -1.85 1.09
N THR B 9 10.59 -2.08 0.25
CA THR B 9 11.56 -1.01 -0.05
C THR B 9 11.14 -0.20 -1.27
N GLY B 10 9.98 -0.52 -1.83
CA GLY B 10 9.44 0.22 -2.96
C GLY B 10 9.82 -0.35 -4.32
N LYS B 11 10.30 -1.60 -4.34
CA LYS B 11 10.71 -2.28 -5.59
C LYS B 11 9.72 -2.03 -6.73
N THR B 12 10.20 -2.01 -7.97
CA THR B 12 9.31 -1.73 -9.12
C THR B 12 9.06 -3.03 -9.87
N ILE B 13 7.78 -3.32 -10.11
CA ILE B 13 7.41 -4.54 -10.84
C ILE B 13 6.55 -4.21 -12.05
N THR B 14 7.00 -4.61 -13.24
CA THR B 14 6.25 -4.34 -14.47
C THR B 14 5.52 -5.61 -14.88
N LEU B 15 4.22 -5.49 -15.18
CA LEU B 15 3.42 -6.66 -15.59
C LEU B 15 2.70 -6.39 -16.90
N GLU B 16 2.47 -7.45 -17.67
CA GLU B 16 1.72 -7.34 -18.92
C GLU B 16 0.33 -7.88 -18.61
N VAL B 17 -0.70 -7.06 -18.83
CA VAL B 17 -2.07 -7.48 -18.54
C VAL B 17 -3.03 -6.99 -19.61
N GLU B 18 -4.25 -7.53 -19.55
CA GLU B 18 -5.32 -7.13 -20.46
C GLU B 18 -6.44 -6.53 -19.60
N PRO B 19 -7.23 -5.59 -20.08
CA PRO B 19 -8.29 -5.00 -19.24
C PRO B 19 -9.28 -6.04 -18.71
N SER B 20 -9.38 -7.18 -19.43
CA SER B 20 -10.30 -8.24 -19.05
C SER B 20 -9.68 -9.19 -18.02
N ASP B 21 -8.41 -8.96 -17.66
CA ASP B 21 -7.78 -9.82 -16.66
C ASP B 21 -8.40 -9.50 -15.31
N THR B 22 -8.57 -10.56 -14.52
CA THR B 22 -9.11 -10.42 -13.18
C THR B 22 -7.99 -10.13 -12.20
N ILE B 23 -8.36 -9.54 -11.07
CA ILE B 23 -7.40 -9.22 -10.03
C ILE B 23 -6.74 -10.51 -9.51
N GLU B 24 -7.52 -11.57 -9.36
CA GLU B 24 -6.96 -12.85 -8.90
C GLU B 24 -5.89 -13.29 -9.89
N ASN B 25 -6.14 -13.05 -11.17
CA ASN B 25 -5.17 -13.45 -12.20
C ASN B 25 -3.90 -12.61 -12.03
N VAL B 26 -4.06 -11.31 -11.79
CA VAL B 26 -2.92 -10.43 -11.60
C VAL B 26 -2.10 -10.91 -10.40
N LYS B 27 -2.78 -11.31 -9.31
CA LYS B 27 -2.08 -11.80 -8.13
C LYS B 27 -1.26 -13.03 -8.50
N ALA B 28 -1.84 -13.88 -9.35
CA ALA B 28 -1.17 -15.10 -9.76
C ALA B 28 0.12 -14.77 -10.51
N LYS B 29 0.08 -13.73 -11.33
CA LYS B 29 1.26 -13.33 -12.07
C LYS B 29 2.35 -12.86 -11.10
N ILE B 30 1.93 -12.13 -10.05
CA ILE B 30 2.86 -11.65 -9.02
C ILE B 30 3.47 -12.85 -8.27
N GLN B 31 2.66 -13.86 -7.98
CA GLN B 31 3.16 -15.05 -7.27
C GLN B 31 4.26 -15.70 -8.09
N ASP B 32 4.02 -15.80 -9.38
CA ASP B 32 4.98 -16.42 -10.27
C ASP B 32 6.30 -15.66 -10.25
N LYS B 33 6.22 -14.33 -10.23
CA LYS B 33 7.42 -13.49 -10.27
C LYS B 33 8.11 -13.33 -8.91
N GLU B 34 7.34 -13.14 -7.83
CA GLU B 34 7.93 -12.86 -6.50
C GLU B 34 7.81 -13.96 -5.45
N GLY B 35 6.94 -14.93 -5.70
CA GLY B 35 6.78 -16.06 -4.77
C GLY B 35 5.85 -15.74 -3.59
N ILE B 36 5.16 -14.62 -3.67
CA ILE B 36 4.25 -14.20 -2.61
C ILE B 36 2.88 -14.86 -2.82
N PRO B 37 2.40 -15.72 -1.93
CA PRO B 37 1.06 -16.36 -2.11
C PRO B 37 -0.09 -15.33 -2.23
N PRO B 38 -1.00 -15.48 -3.19
CA PRO B 38 -2.16 -14.52 -3.39
C PRO B 38 -2.94 -14.19 -2.10
N ASP B 39 -3.06 -15.12 -1.16
CA ASP B 39 -3.83 -14.85 0.06
C ASP B 39 -3.13 -13.86 0.96
N GLN B 40 -1.83 -13.62 0.74
CA GLN B 40 -1.07 -12.69 1.57
C GLN B 40 -0.91 -11.32 0.89
N GLN B 41 -1.61 -11.12 -0.22
CA GLN B 41 -1.49 -9.87 -0.95
C GLN B 41 -2.82 -9.10 -1.03
N ARG B 42 -2.78 -7.84 -0.59
CA ARG B 42 -3.93 -6.94 -0.64
C ARG B 42 -3.63 -5.84 -1.65
N LEU B 43 -4.49 -5.67 -2.66
CA LEU B 43 -4.24 -4.65 -3.68
C LEU B 43 -5.03 -3.38 -3.39
N ILE B 44 -4.35 -2.22 -3.47
CA ILE B 44 -5.00 -0.94 -3.21
C ILE B 44 -4.68 0.09 -4.30
N PHE B 45 -5.72 0.81 -4.75
CA PHE B 45 -5.56 1.86 -5.76
C PHE B 45 -6.66 2.91 -5.60
N ALA B 46 -6.29 4.17 -5.83
CA ALA B 46 -7.20 5.30 -5.70
C ALA B 46 -7.80 5.38 -4.30
N GLY B 47 -6.98 5.00 -3.31
CA GLY B 47 -7.37 5.08 -1.91
C GLY B 47 -8.38 4.04 -1.48
N LYS B 48 -8.95 3.32 -2.42
CA LYS B 48 -9.95 2.29 -2.06
C LYS B 48 -9.40 0.88 -2.26
N GLN B 49 -9.60 0.03 -1.26
CA GLN B 49 -9.19 -1.37 -1.36
C GLN B 49 -9.87 -2.04 -2.55
N LEU B 50 -9.08 -2.49 -3.52
CA LEU B 50 -9.59 -3.12 -4.74
C LEU B 50 -10.25 -4.46 -4.44
N GLU B 51 -11.46 -4.65 -4.99
CA GLU B 51 -12.20 -5.90 -4.78
C GLU B 51 -12.02 -6.86 -5.97
N ASP B 52 -12.08 -8.16 -5.66
CA ASP B 52 -11.85 -9.21 -6.66
C ASP B 52 -12.98 -9.31 -7.70
N GLY B 53 -14.18 -8.80 -7.39
CA GLY B 53 -15.30 -8.88 -8.34
C GLY B 53 -15.44 -7.61 -9.20
N ARG B 54 -14.49 -6.69 -9.08
CA ARG B 54 -14.53 -5.44 -9.85
C ARG B 54 -13.40 -5.37 -10.89
N THR B 55 -13.53 -4.46 -11.87
CA THR B 55 -12.51 -4.30 -12.93
C THR B 55 -11.65 -3.07 -12.75
N LEU B 56 -10.54 -3.04 -13.50
CA LEU B 56 -9.62 -1.90 -13.46
C LEU B 56 -10.33 -0.61 -13.87
N SER B 57 -11.17 -0.68 -14.91
CA SER B 57 -11.87 0.53 -15.36
C SER B 57 -12.76 1.11 -14.27
N ASP B 58 -13.31 0.25 -13.43
CA ASP B 58 -14.18 0.71 -12.36
C ASP B 58 -13.42 1.64 -11.40
N TYR B 59 -12.11 1.44 -11.28
CA TYR B 59 -11.29 2.27 -10.40
C TYR B 59 -10.56 3.37 -11.17
N ASN B 60 -10.98 3.61 -12.42
CA ASN B 60 -10.39 4.63 -13.27
C ASN B 60 -8.86 4.52 -13.33
N ILE B 61 -8.36 3.30 -13.37
CA ILE B 61 -6.91 3.09 -13.47
C ILE B 61 -6.50 3.26 -14.93
N GLN B 62 -5.56 4.16 -15.19
CA GLN B 62 -5.10 4.46 -16.56
C GLN B 62 -3.71 3.90 -16.83
N LYS B 63 -3.32 3.94 -18.11
CA LYS B 63 -2.03 3.40 -18.51
C LYS B 63 -0.90 3.97 -17.64
N GLU B 64 0.06 3.12 -17.31
CA GLU B 64 1.20 3.47 -16.47
C GLU B 64 0.80 3.79 -15.04
N SER B 65 -0.34 3.28 -14.60
CA SER B 65 -0.76 3.47 -13.21
C SER B 65 0.05 2.50 -12.34
N THR B 66 0.32 2.96 -11.12
CA THR B 66 1.08 2.21 -10.13
C THR B 66 0.28 2.01 -8.83
N LEU B 67 0.26 0.78 -8.34
CA LEU B 67 -0.44 0.46 -7.10
C LEU B 67 0.56 0.40 -5.94
N HIS B 68 0.04 0.27 -4.72
CA HIS B 68 0.89 0.21 -3.54
C HIS B 68 0.65 -1.10 -2.80
N LEU B 69 1.74 -1.74 -2.38
CA LEU B 69 1.64 -3.01 -1.67
C LEU B 69 2.62 -3.06 -0.50
N VAL B 70 2.32 -3.92 0.47
CA VAL B 70 3.16 -4.09 1.65
C VAL B 70 3.84 -5.46 1.60
N LEU B 71 4.88 -5.65 2.41
CA LEU B 71 5.57 -6.92 2.46
C LEU B 71 4.78 -7.93 3.29
N ARG B 72 5.14 -8.06 4.58
CA ARG B 72 4.50 -9.00 5.52
C ARG B 72 5.45 -9.34 6.67
N LEU B 73 5.81 -8.35 7.48
CA LEU B 73 6.70 -8.59 8.61
C LEU B 73 5.88 -8.83 9.88
N ARG B 74 4.68 -8.26 9.92
CA ARG B 74 3.79 -8.39 11.06
C ARG B 74 2.39 -8.79 10.61
N GLY B 75 1.75 -7.94 9.80
CA GLY B 75 0.41 -8.22 9.32
C GLY B 75 0.15 -7.62 7.95
N CYS B 76 1.19 -7.57 7.12
CA CYS B 76 1.10 -7.02 5.76
C CYS B 76 0.69 -5.55 5.80
N LYS A 1 9.95 21.49 12.94
CA LYS A 1 9.54 21.24 14.34
C LYS A 1 10.10 19.94 14.82
N SER A 2 9.80 19.62 16.08
CA SER A 2 10.30 18.43 16.71
C SER A 2 9.76 17.19 16.03
N LYS A 3 8.42 17.05 15.97
CA LYS A 3 7.85 15.86 15.39
C LYS A 3 7.60 16.09 13.93
N ASP A 4 7.34 14.98 13.20
CA ASP A 4 7.13 15.04 11.77
C ASP A 4 5.69 14.74 11.47
N TYR A 5 5.08 15.53 10.55
CA TYR A 5 3.73 15.29 10.13
C TYR A 5 3.77 14.74 8.73
N CYS A 6 2.98 13.68 8.49
CA CYS A 6 2.99 13.02 7.21
C CYS A 6 1.58 12.87 6.73
N LYS A 7 1.33 13.18 5.43
CA LYS A 7 0.02 13.07 4.84
C LYS A 7 -0.10 11.70 4.22
N VAL A 8 -1.26 11.01 4.43
CA VAL A 8 -1.36 9.69 3.87
C VAL A 8 -2.17 9.71 2.60
N ILE A 9 -1.52 9.36 1.49
CA ILE A 9 -2.18 9.34 0.17
C ILE A 9 -3.05 8.09 -0.02
N PHE A 10 -2.42 6.95 -0.33
CA PHE A 10 -3.14 5.70 -0.53
C PHE A 10 -3.71 5.22 0.81
N PRO A 11 -5.01 4.85 0.84
CA PRO A 11 -5.66 4.37 2.06
C PRO A 11 -5.04 3.07 2.57
N TYR A 12 -5.08 2.87 3.87
CA TYR A 12 -4.51 1.69 4.49
C TYR A 12 -5.58 0.93 5.26
N GLU A 13 -6.20 -0.02 4.60
CA GLU A 13 -7.24 -0.83 5.22
C GLU A 13 -6.61 -1.74 6.28
N ALA A 14 -7.01 -1.51 7.54
CA ALA A 14 -6.52 -2.27 8.70
C ALA A 14 -6.18 -3.72 8.36
N GLN A 15 -4.89 -4.01 8.26
CA GLN A 15 -4.44 -5.33 7.94
C GLN A 15 -4.44 -6.16 9.19
N ASN A 16 -4.04 -5.60 10.32
CA ASN A 16 -3.96 -6.40 11.54
C ASN A 16 -4.31 -5.58 12.77
N ASP A 17 -4.36 -6.26 13.92
CA ASP A 17 -4.65 -5.62 15.19
C ASP A 17 -3.39 -4.96 15.74
N ASP A 18 -2.25 -5.57 15.42
CA ASP A 18 -0.94 -5.06 15.86
C ASP A 18 -0.50 -3.89 14.99
N GLU A 19 -1.31 -3.57 13.97
CA GLU A 19 -1.00 -2.48 13.08
C GLU A 19 -1.99 -1.38 13.29
N LEU A 20 -1.53 -0.13 13.12
CA LEU A 20 -2.36 1.07 13.31
C LEU A 20 -3.27 1.26 12.12
N THR A 21 -4.52 1.63 12.36
CA THR A 21 -5.41 1.78 11.23
C THR A 21 -5.43 3.24 10.85
N ILE A 22 -5.11 3.52 9.57
CA ILE A 22 -5.07 4.87 9.08
C ILE A 22 -5.91 4.95 7.84
N LYS A 23 -6.62 6.08 7.68
CA LYS A 23 -7.50 6.30 6.52
C LYS A 23 -6.92 7.43 5.70
N GLU A 24 -7.27 7.51 4.41
CA GLU A 24 -6.65 8.50 3.60
C GLU A 24 -7.25 9.83 3.92
N GLY A 25 -6.40 10.87 3.94
CA GLY A 25 -6.87 12.18 4.23
C GLY A 25 -6.66 12.52 5.68
N ASP A 26 -5.73 11.82 6.38
CA ASP A 26 -5.45 12.15 7.75
C ASP A 26 -3.98 12.28 7.95
N ILE A 27 -3.58 13.12 8.93
CA ILE A 27 -2.22 13.39 9.25
C ILE A 27 -1.90 12.74 10.56
N VAL A 28 -0.75 12.04 10.64
CA VAL A 28 -0.39 11.39 11.87
C VAL A 28 0.96 11.90 12.30
N THR A 29 1.10 12.23 13.60
CA THR A 29 2.35 12.77 14.04
C THR A 29 3.27 11.65 14.39
N LEU A 30 4.49 11.67 13.79
CA LEU A 30 5.43 10.60 13.99
C LEU A 30 5.97 10.70 15.38
N ILE A 31 5.65 9.70 16.21
CA ILE A 31 6.10 9.60 17.57
C ILE A 31 7.55 9.20 17.63
N ASN A 32 7.93 8.09 16.95
CA ASN A 32 9.30 7.66 17.01
C ASN A 32 9.60 6.89 15.76
N LYS A 33 10.87 6.95 15.30
CA LYS A 33 11.27 6.28 14.08
C LYS A 33 11.49 4.82 14.32
N ASP A 34 11.53 4.05 13.22
CA ASP A 34 11.71 2.63 13.19
C ASP A 34 13.16 2.29 13.12
N CYS A 35 13.47 1.00 13.21
CA CYS A 35 14.84 0.48 13.12
C CYS A 35 15.54 0.86 11.78
N ILE A 36 16.37 -0.04 11.25
CA ILE A 36 17.13 0.25 10.03
C ILE A 36 16.26 0.29 8.76
N ASP A 37 15.56 -0.80 8.48
CA ASP A 37 14.73 -0.92 7.28
C ASP A 37 13.77 0.26 7.10
N VAL A 38 13.83 0.86 5.91
CA VAL A 38 12.98 1.99 5.57
C VAL A 38 11.69 1.52 4.89
N GLY A 39 10.58 1.71 5.59
CA GLY A 39 9.29 1.29 5.08
C GLY A 39 8.29 1.11 6.19
N TRP A 40 8.81 1.07 7.41
CA TRP A 40 7.98 0.91 8.60
C TRP A 40 8.20 2.07 9.57
N TRP A 41 7.13 2.42 10.29
CA TRP A 41 7.16 3.51 11.29
C TRP A 41 6.02 3.32 12.28
N GLU A 42 5.88 4.24 13.22
CA GLU A 42 4.82 4.18 14.18
C GLU A 42 4.25 5.56 14.35
N GLY A 43 2.91 5.64 14.53
CA GLY A 43 2.26 6.90 14.74
C GLY A 43 1.01 6.67 15.53
N GLU A 44 0.38 7.77 16.03
CA GLU A 44 -0.83 7.60 16.79
C GLU A 44 -1.97 8.18 16.05
N LEU A 45 -3.06 7.38 15.92
CA LEU A 45 -4.23 7.85 15.26
C LEU A 45 -5.42 7.31 15.98
N ASN A 46 -6.43 8.17 16.21
CA ASN A 46 -7.63 7.73 16.84
C ASN A 46 -7.30 7.11 18.16
N GLY A 47 -6.31 7.67 18.88
CA GLY A 47 -6.01 7.19 20.20
C GLY A 47 -5.46 5.79 20.14
N ARG A 48 -4.66 5.46 19.09
CA ARG A 48 -4.14 4.13 19.01
C ARG A 48 -2.67 4.22 18.70
N ARG A 49 -1.91 3.15 18.99
CA ARG A 49 -0.53 3.15 18.63
C ARG A 49 -0.25 1.89 17.87
N GLY A 50 0.30 2.03 16.65
CA GLY A 50 0.56 0.87 15.85
C GLY A 50 1.48 1.24 14.74
N VAL A 51 2.08 0.21 14.12
CA VAL A 51 3.04 0.39 13.02
C VAL A 51 2.36 0.25 11.66
N PHE A 52 2.89 0.93 10.64
CA PHE A 52 2.33 0.84 9.32
C PHE A 52 3.38 1.15 8.28
N PRO A 53 3.25 0.58 7.10
CA PRO A 53 4.18 0.87 6.05
C PRO A 53 4.04 2.26 5.53
N ASP A 54 5.13 3.03 5.61
CA ASP A 54 5.15 4.42 5.19
C ASP A 54 5.17 4.54 3.68
N ASN A 55 5.16 3.42 2.98
CA ASN A 55 5.15 3.45 1.54
C ASN A 55 3.91 4.13 1.07
N PHE A 56 2.79 3.81 1.71
CA PHE A 56 1.48 4.35 1.35
C PHE A 56 1.31 5.80 1.76
N VAL A 57 2.40 6.44 2.19
CA VAL A 57 2.35 7.82 2.61
C VAL A 57 3.53 8.58 2.00
N LYS A 58 3.46 9.91 2.03
CA LYS A 58 4.54 10.75 1.51
C LYS A 58 4.90 11.79 2.55
N LEU A 59 6.13 12.29 2.52
CA LEU A 59 6.57 13.27 3.46
C LEU A 59 6.33 14.62 2.89
N LEU A 60 5.77 15.53 3.70
CA LEU A 60 5.55 16.84 3.18
C LEU A 60 6.79 17.62 3.50
N PRO A 61 7.33 18.26 2.49
CA PRO A 61 8.57 18.97 2.68
C PRO A 61 8.52 20.11 3.64
N PRO A 62 7.46 20.85 3.75
CA PRO A 62 7.49 21.93 4.70
C PRO A 62 7.07 21.43 6.04
N MET B 1 -2.54 -2.91 -21.34
CA MET B 1 -1.67 -1.91 -20.66
C MET B 1 -0.91 -2.58 -19.52
N GLN B 2 0.28 -2.05 -19.22
CA GLN B 2 1.10 -2.61 -18.14
C GLN B 2 0.91 -1.81 -16.86
N ILE B 3 0.86 -2.53 -15.74
CA ILE B 3 0.73 -1.93 -14.41
C ILE B 3 1.98 -2.22 -13.58
N PHE B 4 2.19 -1.45 -12.52
CA PHE B 4 3.38 -1.64 -11.66
C PHE B 4 2.98 -1.93 -10.23
N VAL B 5 3.68 -2.87 -9.58
CA VAL B 5 3.43 -3.18 -8.17
C VAL B 5 4.70 -2.94 -7.37
N LYS B 6 4.62 -2.11 -6.33
CA LYS B 6 5.80 -1.83 -5.49
C LYS B 6 5.72 -2.64 -4.19
N THR B 7 6.87 -3.16 -3.77
CA THR B 7 6.97 -3.91 -2.52
C THR B 7 7.33 -3.01 -1.34
N LEU B 8 8.15 -3.54 -0.42
CA LEU B 8 8.57 -2.80 0.76
C LEU B 8 9.58 -1.70 0.42
N THR B 9 10.54 -2.01 -0.46
CA THR B 9 11.56 -1.01 -0.82
C THR B 9 11.17 -0.24 -2.08
N GLY B 10 9.99 -0.55 -2.62
CA GLY B 10 9.48 0.16 -3.80
C GLY B 10 9.84 -0.49 -5.12
N LYS B 11 10.26 -1.78 -5.06
CA LYS B 11 10.64 -2.54 -6.27
C LYS B 11 9.62 -2.37 -7.39
N THR B 12 10.05 -2.51 -8.64
CA THR B 12 9.13 -2.33 -9.77
C THR B 12 8.81 -3.69 -10.38
N ILE B 13 7.53 -3.99 -10.53
CA ILE B 13 7.09 -5.27 -11.11
C ILE B 13 6.28 -5.04 -12.39
N THR B 14 6.75 -5.62 -13.50
CA THR B 14 6.04 -5.47 -14.77
C THR B 14 5.25 -6.73 -15.06
N LEU B 15 3.98 -6.58 -15.41
CA LEU B 15 3.12 -7.74 -15.69
C LEU B 15 2.45 -7.61 -17.05
N GLU B 16 2.18 -8.74 -17.69
CA GLU B 16 1.47 -8.76 -18.97
C GLU B 16 0.04 -9.17 -18.65
N VAL B 17 -0.92 -8.34 -19.01
CA VAL B 17 -2.33 -8.62 -18.72
C VAL B 17 -3.22 -8.22 -19.88
N GLU B 18 -4.47 -8.67 -19.80
CA GLU B 18 -5.49 -8.34 -20.79
C GLU B 18 -6.59 -7.56 -20.06
N PRO B 19 -7.30 -6.65 -20.69
CA PRO B 19 -8.36 -5.90 -19.97
C PRO B 19 -9.42 -6.80 -19.35
N SER B 20 -9.57 -8.00 -19.92
CA SER B 20 -10.57 -8.95 -19.43
C SER B 20 -10.05 -9.79 -18.27
N ASP B 21 -8.78 -9.60 -17.89
CA ASP B 21 -8.23 -10.35 -16.77
C ASP B 21 -8.86 -9.82 -15.50
N THR B 22 -9.13 -10.76 -14.58
CA THR B 22 -9.70 -10.41 -13.29
C THR B 22 -8.59 -10.05 -12.31
N ILE B 23 -8.95 -9.30 -11.29
CA ILE B 23 -8.01 -8.90 -10.27
C ILE B 23 -7.45 -10.14 -9.55
N GLU B 24 -8.30 -11.13 -9.30
CA GLU B 24 -7.83 -12.37 -8.66
C GLU B 24 -6.76 -13.00 -9.54
N ASN B 25 -6.96 -12.92 -10.84
CA ASN B 25 -5.99 -13.49 -11.77
C ASN B 25 -4.67 -12.73 -11.68
N VAL B 26 -4.76 -11.40 -11.61
CA VAL B 26 -3.57 -10.57 -11.50
C VAL B 26 -2.82 -10.93 -10.21
N LYS B 27 -3.56 -11.14 -9.10
CA LYS B 27 -2.93 -11.51 -7.85
C LYS B 27 -2.18 -12.83 -8.02
N ALA B 28 -2.78 -13.74 -8.77
CA ALA B 28 -2.17 -15.05 -8.99
C ALA B 28 -0.85 -14.91 -9.73
N LYS B 29 -0.80 -13.98 -10.68
CA LYS B 29 0.43 -13.75 -11.43
C LYS B 29 1.51 -13.22 -10.48
N ILE B 30 1.12 -12.33 -9.54
CA ILE B 30 2.04 -11.78 -8.56
C ILE B 30 2.54 -12.90 -7.64
N GLN B 31 1.67 -13.82 -7.25
CA GLN B 31 2.06 -14.93 -6.37
C GLN B 31 3.15 -15.74 -7.05
N ASP B 32 2.94 -16.00 -8.33
CA ASP B 32 3.89 -16.79 -9.09
C ASP B 32 5.26 -16.12 -9.13
N LYS B 33 5.26 -14.79 -9.29
CA LYS B 33 6.51 -14.04 -9.39
C LYS B 33 7.16 -13.73 -8.03
N GLU B 34 6.37 -13.36 -7.02
CA GLU B 34 6.95 -12.94 -5.71
C GLU B 34 6.72 -13.89 -4.53
N GLY B 35 5.80 -14.84 -4.69
CA GLY B 35 5.54 -15.82 -3.63
C GLY B 35 4.61 -15.29 -2.52
N ILE B 36 3.99 -14.14 -2.79
CA ILE B 36 3.07 -13.54 -1.82
C ILE B 36 1.67 -14.13 -2.00
N PRO B 37 1.10 -14.83 -1.02
CA PRO B 37 -0.27 -15.42 -1.18
C PRO B 37 -1.34 -14.34 -1.47
N PRO B 38 -2.24 -14.56 -2.42
CA PRO B 38 -3.31 -13.58 -2.78
C PRO B 38 -4.11 -13.04 -1.60
N ASP B 39 -4.31 -13.82 -0.55
CA ASP B 39 -5.10 -13.35 0.60
C ASP B 39 -4.37 -12.28 1.40
N GLN B 40 -3.06 -12.16 1.19
CA GLN B 40 -2.25 -11.17 1.92
C GLN B 40 -2.00 -9.93 1.07
N GLN B 41 -2.59 -9.86 -0.11
CA GLN B 41 -2.38 -8.74 -1.01
C GLN B 41 -3.57 -7.77 -1.03
N ARG B 42 -3.26 -6.48 -0.89
CA ARG B 42 -4.25 -5.42 -0.94
C ARG B 42 -3.91 -4.49 -2.11
N LEU B 43 -4.77 -4.46 -3.13
CA LEU B 43 -4.47 -3.63 -4.31
C LEU B 43 -5.27 -2.33 -4.27
N ILE B 44 -4.56 -1.20 -4.44
CA ILE B 44 -5.20 0.12 -4.42
C ILE B 44 -4.53 1.06 -5.44
N PHE B 45 -5.36 1.82 -6.18
CA PHE B 45 -4.85 2.77 -7.17
C PHE B 45 -5.55 4.12 -7.00
N ALA B 46 -4.78 5.22 -7.03
CA ALA B 46 -5.32 6.56 -6.86
C ALA B 46 -6.21 6.66 -5.62
N GLY B 47 -5.81 6.00 -4.55
CA GLY B 47 -6.57 6.07 -3.30
C GLY B 47 -7.95 5.40 -3.34
N LYS B 48 -8.16 4.47 -4.25
CA LYS B 48 -9.47 3.79 -4.32
C LYS B 48 -9.33 2.28 -4.05
N GLN B 49 -10.20 1.77 -3.18
CA GLN B 49 -10.23 0.33 -2.87
C GLN B 49 -10.70 -0.47 -4.09
N LEU B 50 -9.82 -1.36 -4.59
CA LEU B 50 -10.14 -2.17 -5.77
C LEU B 50 -10.89 -3.46 -5.40
N GLU B 51 -12.05 -3.67 -6.04
CA GLU B 51 -12.87 -4.85 -5.79
C GLU B 51 -12.67 -5.91 -6.88
N ASP B 52 -12.83 -7.19 -6.48
CA ASP B 52 -12.60 -8.32 -7.39
C ASP B 52 -13.65 -8.44 -8.49
N GLY B 53 -14.83 -7.85 -8.32
CA GLY B 53 -15.89 -7.94 -9.33
C GLY B 53 -15.90 -6.74 -10.30
N ARG B 54 -14.90 -5.87 -10.17
CA ARG B 54 -14.82 -4.67 -11.04
C ARG B 54 -13.61 -4.76 -12.00
N THR B 55 -13.62 -3.91 -13.05
CA THR B 55 -12.52 -3.90 -14.04
C THR B 55 -11.60 -2.70 -13.89
N LEU B 56 -10.45 -2.79 -14.56
CA LEU B 56 -9.47 -1.70 -14.54
C LEU B 56 -10.07 -0.41 -15.10
N SER B 57 -10.85 -0.51 -16.19
CA SER B 57 -11.43 0.69 -16.77
C SER B 57 -12.38 1.39 -15.80
N ASP B 58 -13.02 0.64 -14.93
CA ASP B 58 -13.94 1.22 -13.96
C ASP B 58 -13.19 2.18 -13.03
N TYR B 59 -11.90 1.92 -12.81
CA TYR B 59 -11.10 2.79 -11.92
C TYR B 59 -10.25 3.77 -12.73
N ASN B 60 -10.58 3.93 -14.01
CA ASN B 60 -9.86 4.86 -14.90
C ASN B 60 -8.35 4.67 -14.85
N ILE B 61 -7.91 3.42 -14.76
CA ILE B 61 -6.48 3.13 -14.72
C ILE B 61 -5.96 3.14 -16.16
N GLN B 62 -4.94 3.98 -16.42
CA GLN B 62 -4.38 4.15 -17.76
C GLN B 62 -3.01 3.49 -17.90
N LYS B 63 -2.54 3.41 -19.14
CA LYS B 63 -1.25 2.76 -19.39
C LYS B 63 -0.16 3.35 -18.50
N GLU B 64 0.72 2.46 -18.04
CA GLU B 64 1.83 2.82 -17.15
C GLU B 64 1.35 3.29 -15.77
N SER B 65 0.16 2.88 -15.38
CA SER B 65 -0.34 3.19 -14.04
C SER B 65 0.34 2.26 -13.05
N THR B 66 0.57 2.79 -11.84
CA THR B 66 1.21 2.06 -10.76
C THR B 66 0.34 2.02 -9.51
N LEU B 67 0.20 0.84 -8.92
CA LEU B 67 -0.60 0.66 -7.71
C LEU B 67 0.31 0.54 -6.49
N HIS B 68 -0.28 0.40 -5.31
CA HIS B 68 0.48 0.26 -4.08
C HIS B 68 0.23 -1.11 -3.47
N LEU B 69 1.28 -1.72 -2.95
CA LEU B 69 1.16 -3.04 -2.32
C LEU B 69 1.89 -3.07 -0.98
N VAL B 70 1.32 -3.81 -0.05
CA VAL B 70 1.90 -3.96 1.28
C VAL B 70 2.67 -5.27 1.40
N LEU B 71 3.66 -5.30 2.28
CA LEU B 71 4.46 -6.50 2.46
C LEU B 71 4.89 -6.67 3.92
N ARG B 72 4.27 -7.64 4.60
CA ARG B 72 4.60 -7.92 5.99
C ARG B 72 6.04 -8.40 6.13
N LEU B 73 6.80 -7.73 6.98
CA LEU B 73 8.21 -8.08 7.18
C LEU B 73 8.64 -7.78 8.61
N ARG B 74 8.58 -6.50 8.99
CA ARG B 74 8.96 -6.08 10.32
C ARG B 74 7.73 -5.89 11.20
N GLY B 75 7.88 -6.16 12.50
CA GLY B 75 6.77 -6.04 13.42
C GLY B 75 5.96 -7.31 13.51
N CYS B 76 4.98 -7.45 12.60
CA CYS B 76 4.11 -8.63 12.55
C CYS B 76 3.37 -8.84 13.87
N LYS A 1 9.90 21.82 11.83
CA LYS A 1 9.72 21.47 13.26
C LYS A 1 10.42 20.19 13.56
N SER A 2 10.33 19.77 14.84
CA SER A 2 10.99 18.59 15.30
C SER A 2 10.42 17.36 14.64
N LYS A 3 9.11 17.12 14.76
CA LYS A 3 8.52 15.94 14.19
C LYS A 3 8.04 16.23 12.81
N ASP A 4 7.73 15.15 12.04
CA ASP A 4 7.31 15.28 10.67
C ASP A 4 5.86 14.90 10.56
N TYR A 5 5.09 15.70 9.80
CA TYR A 5 3.70 15.39 9.56
C TYR A 5 3.56 14.93 8.14
N CYS A 6 2.80 13.82 7.95
CA CYS A 6 2.66 13.23 6.65
C CYS A 6 1.20 13.03 6.36
N LYS A 7 0.74 13.38 5.14
CA LYS A 7 -0.64 13.22 4.74
C LYS A 7 -0.77 11.89 4.06
N VAL A 8 -1.84 11.12 4.39
CA VAL A 8 -1.95 9.83 3.77
C VAL A 8 -2.94 9.86 2.64
N ILE A 9 -2.45 9.60 1.42
CA ILE A 9 -3.32 9.63 0.23
C ILE A 9 -3.84 8.25 -0.19
N PHE A 10 -3.47 7.20 0.54
CA PHE A 10 -3.94 5.84 0.20
C PHE A 10 -4.77 5.25 1.34
N PRO A 11 -5.81 4.46 1.01
CA PRO A 11 -6.67 3.83 2.02
C PRO A 11 -6.00 2.64 2.70
N TYR A 12 -6.12 2.57 4.01
CA TYR A 12 -5.53 1.49 4.79
C TYR A 12 -6.56 0.90 5.75
N GLU A 13 -6.96 -0.33 5.49
CA GLU A 13 -7.92 -1.00 6.35
C GLU A 13 -7.17 -1.84 7.38
N ALA A 14 -7.49 -1.62 8.67
CA ALA A 14 -6.88 -2.35 9.79
C ALA A 14 -6.44 -3.76 9.41
N GLN A 15 -5.13 -3.97 9.31
CA GLN A 15 -4.61 -5.26 8.95
C GLN A 15 -4.48 -6.10 10.19
N ASN A 16 -3.98 -5.52 11.28
CA ASN A 16 -3.76 -6.31 12.49
C ASN A 16 -4.05 -5.52 13.76
N ASP A 17 -3.90 -6.18 14.89
CA ASP A 17 -4.11 -5.56 16.20
C ASP A 17 -2.86 -4.81 16.62
N ASP A 18 -1.70 -5.37 16.26
CA ASP A 18 -0.42 -4.76 16.58
C ASP A 18 -0.09 -3.63 15.61
N GLU A 19 -1.04 -3.34 14.72
CA GLU A 19 -0.89 -2.30 13.75
C GLU A 19 -1.92 -1.25 13.98
N LEU A 20 -1.54 0.01 13.70
CA LEU A 20 -2.43 1.17 13.90
C LEU A 20 -3.35 1.34 12.72
N THR A 21 -4.61 1.70 12.96
CA THR A 21 -5.52 1.79 11.85
C THR A 21 -5.56 3.22 11.41
N ILE A 22 -5.27 3.46 10.11
CA ILE A 22 -5.25 4.79 9.56
C ILE A 22 -6.11 4.82 8.34
N LYS A 23 -6.84 5.93 8.15
CA LYS A 23 -7.73 6.11 7.01
C LYS A 23 -7.26 7.30 6.20
N GLU A 24 -7.69 7.41 4.95
CA GLU A 24 -7.16 8.46 4.13
C GLU A 24 -7.77 9.74 4.56
N GLY A 25 -6.95 10.80 4.56
CA GLY A 25 -7.43 12.10 4.94
C GLY A 25 -7.12 12.36 6.38
N ASP A 26 -6.13 11.67 6.97
CA ASP A 26 -5.75 11.95 8.34
C ASP A 26 -4.27 12.11 8.43
N ILE A 27 -3.82 12.93 9.43
CA ILE A 27 -2.43 13.23 9.63
C ILE A 27 -2.00 12.53 10.90
N VAL A 28 -0.83 11.85 10.87
CA VAL A 28 -0.36 11.16 12.04
C VAL A 28 1.00 11.69 12.38
N THR A 29 1.23 11.98 13.68
CA THR A 29 2.49 12.54 14.06
C THR A 29 3.47 11.42 14.28
N LEU A 30 4.63 11.51 13.59
CA LEU A 30 5.61 10.46 13.68
C LEU A 30 6.26 10.51 15.02
N ILE A 31 6.03 9.47 15.83
CA ILE A 31 6.58 9.33 17.15
C ILE A 31 8.04 8.97 17.08
N ASN A 32 8.40 7.90 16.33
CA ASN A 32 9.77 7.50 16.26
C ASN A 32 10.01 6.80 14.96
N LYS A 33 11.24 6.91 14.41
CA LYS A 33 11.55 6.31 13.14
C LYS A 33 11.84 4.84 13.30
N ASP A 34 11.80 4.12 12.16
CA ASP A 34 12.01 2.70 12.06
C ASP A 34 13.47 2.41 11.87
N CYS A 35 13.80 1.13 11.92
CA CYS A 35 15.16 0.63 11.69
C CYS A 35 15.65 0.96 10.26
N ILE A 36 16.51 0.12 9.70
CA ILE A 36 17.07 0.36 8.37
C ILE A 36 16.03 0.24 7.24
N ASP A 37 15.36 -0.92 7.16
CA ASP A 37 14.36 -1.15 6.12
C ASP A 37 13.26 -0.09 6.11
N VAL A 38 13.18 0.64 5.00
CA VAL A 38 12.17 1.68 4.83
C VAL A 38 10.86 1.08 4.37
N GLY A 39 9.85 1.16 5.24
CA GLY A 39 8.55 0.61 4.92
C GLY A 39 7.67 0.52 6.13
N TRP A 40 8.29 0.47 7.30
CA TRP A 40 7.57 0.39 8.56
C TRP A 40 7.78 1.69 9.34
N TRP A 41 6.82 2.01 10.20
CA TRP A 41 6.87 3.23 11.03
C TRP A 41 5.86 3.11 12.15
N GLU A 42 5.84 4.09 13.06
CA GLU A 42 4.87 4.09 14.12
C GLU A 42 4.35 5.48 14.28
N GLY A 43 3.03 5.61 14.58
CA GLY A 43 2.43 6.89 14.80
C GLY A 43 1.26 6.72 15.71
N GLU A 44 0.69 7.85 16.21
CA GLU A 44 -0.44 7.75 17.09
C GLU A 44 -1.64 8.31 16.43
N LEU A 45 -2.75 7.53 16.45
CA LEU A 45 -3.96 8.00 15.88
C LEU A 45 -5.09 7.52 16.73
N ASN A 46 -6.06 8.41 17.02
CA ASN A 46 -7.20 8.02 17.79
C ASN A 46 -6.76 7.45 19.09
N GLY A 47 -5.70 8.03 19.69
CA GLY A 47 -5.27 7.59 20.99
C GLY A 47 -4.75 6.19 20.94
N ARG A 48 -4.08 5.80 19.84
CA ARG A 48 -3.57 4.45 19.78
C ARG A 48 -2.15 4.49 19.33
N ARG A 49 -1.39 3.41 19.59
CA ARG A 49 -0.05 3.38 19.10
C ARG A 49 0.14 2.08 18.39
N GLY A 50 0.57 2.15 17.11
CA GLY A 50 0.74 0.95 16.34
C GLY A 50 1.56 1.25 15.13
N VAL A 51 2.09 0.18 14.50
CA VAL A 51 2.93 0.32 13.31
C VAL A 51 2.12 0.15 12.03
N PHE A 52 2.52 0.83 10.97
CA PHE A 52 1.82 0.76 9.71
C PHE A 52 2.76 1.06 8.57
N PRO A 53 2.49 0.50 7.41
CA PRO A 53 3.31 0.78 6.26
C PRO A 53 3.12 2.17 5.77
N ASP A 54 4.22 2.92 5.74
CA ASP A 54 4.21 4.31 5.30
C ASP A 54 4.36 4.42 3.78
N ASN A 55 4.50 3.28 3.09
CA ASN A 55 4.61 3.30 1.65
C ASN A 55 3.36 3.86 1.07
N PHE A 56 2.24 3.51 1.68
CA PHE A 56 0.91 3.96 1.25
C PHE A 56 0.79 5.47 1.20
N VAL A 57 1.81 6.17 1.69
CA VAL A 57 1.82 7.62 1.72
C VAL A 57 3.17 8.12 1.18
N LYS A 58 3.14 9.21 0.44
CA LYS A 58 4.38 9.77 -0.11
C LYS A 58 4.88 10.88 0.81
N LEU A 59 6.00 11.49 0.46
CA LEU A 59 6.58 12.55 1.22
C LEU A 59 6.01 13.83 0.74
N LEU A 60 5.62 14.72 1.68
CA LEU A 60 5.09 15.97 1.24
C LEU A 60 6.26 16.89 1.16
N PRO A 61 6.41 17.55 0.04
CA PRO A 61 7.56 18.39 -0.16
C PRO A 61 7.65 19.58 0.77
N PRO A 62 6.59 20.19 1.19
CA PRO A 62 6.78 21.31 2.07
C PRO A 62 6.84 20.81 3.48
N MET B 1 -1.90 -2.58 -21.25
CA MET B 1 -1.05 -1.56 -20.59
C MET B 1 -0.32 -2.20 -19.42
N GLN B 2 0.87 -1.66 -19.10
CA GLN B 2 1.67 -2.19 -18.00
C GLN B 2 1.45 -1.37 -16.74
N ILE B 3 1.39 -2.07 -15.61
CA ILE B 3 1.24 -1.45 -14.30
C ILE B 3 2.45 -1.76 -13.43
N PHE B 4 2.61 -1.03 -12.32
CA PHE B 4 3.76 -1.23 -11.44
C PHE B 4 3.31 -1.58 -10.02
N VAL B 5 4.02 -2.53 -9.40
CA VAL B 5 3.72 -2.93 -8.01
C VAL B 5 4.95 -2.69 -7.15
N LYS B 6 4.80 -1.91 -6.08
CA LYS B 6 5.93 -1.65 -5.18
C LYS B 6 5.83 -2.51 -3.92
N THR B 7 6.96 -3.05 -3.50
CA THR B 7 7.03 -3.87 -2.29
C THR B 7 7.32 -3.03 -1.04
N LEU B 8 8.05 -3.62 -0.11
CA LEU B 8 8.40 -2.96 1.15
C LEU B 8 9.35 -1.78 0.92
N THR B 9 10.38 -2.00 0.10
CA THR B 9 11.38 -0.95 -0.16
C THR B 9 11.02 -0.15 -1.41
N GLY B 10 9.87 -0.46 -2.01
CA GLY B 10 9.40 0.28 -3.18
C GLY B 10 9.84 -0.31 -4.52
N LYS B 11 10.29 -1.57 -4.50
CA LYS B 11 10.76 -2.25 -5.71
C LYS B 11 9.78 -2.07 -6.88
N THR B 12 10.27 -2.16 -8.11
CA THR B 12 9.39 -1.95 -9.27
C THR B 12 9.14 -3.29 -9.95
N ILE B 13 7.87 -3.61 -10.18
CA ILE B 13 7.49 -4.86 -10.82
C ILE B 13 6.71 -4.60 -12.12
N THR B 14 7.21 -5.14 -13.23
CA THR B 14 6.54 -4.95 -14.52
C THR B 14 5.77 -6.22 -14.86
N LEU B 15 4.50 -6.07 -15.24
CA LEU B 15 3.67 -7.23 -15.59
C LEU B 15 3.04 -7.06 -16.96
N GLU B 16 2.79 -8.18 -17.65
CA GLU B 16 2.12 -8.16 -18.93
C GLU B 16 0.69 -8.61 -18.66
N VAL B 17 -0.29 -7.76 -19.01
CA VAL B 17 -1.69 -8.08 -18.77
C VAL B 17 -2.56 -7.65 -19.94
N GLU B 18 -3.81 -8.13 -19.90
CA GLU B 18 -4.80 -7.77 -20.91
C GLU B 18 -5.94 -7.04 -20.17
N PRO B 19 -6.65 -6.11 -20.78
CA PRO B 19 -7.73 -5.39 -20.06
C PRO B 19 -8.79 -6.34 -19.51
N SER B 20 -8.92 -7.52 -20.12
CA SER B 20 -9.90 -8.51 -19.68
C SER B 20 -9.40 -9.38 -18.55
N ASP B 21 -8.15 -9.19 -18.13
CA ASP B 21 -7.61 -9.97 -17.02
C ASP B 21 -8.28 -9.50 -15.75
N THR B 22 -8.55 -10.46 -14.87
CA THR B 22 -9.16 -10.18 -13.58
C THR B 22 -8.07 -9.85 -12.57
N ILE B 23 -8.47 -9.13 -11.53
CA ILE B 23 -7.56 -8.76 -10.46
C ILE B 23 -7.00 -10.01 -9.79
N GLU B 24 -7.84 -11.03 -9.59
CA GLU B 24 -7.37 -12.27 -8.98
C GLU B 24 -6.27 -12.86 -9.86
N ASN B 25 -6.43 -12.74 -11.17
CA ASN B 25 -5.43 -13.26 -12.09
C ASN B 25 -4.13 -12.48 -11.93
N VAL B 26 -4.24 -11.15 -11.83
CA VAL B 26 -3.06 -10.32 -11.66
C VAL B 26 -2.33 -10.71 -10.37
N LYS B 27 -3.09 -10.97 -9.29
CA LYS B 27 -2.49 -11.38 -8.02
C LYS B 27 -1.72 -12.67 -8.23
N ALA B 28 -2.29 -13.58 -9.03
CA ALA B 28 -1.66 -14.87 -9.28
C ALA B 28 -0.32 -14.67 -9.98
N LYS B 29 -0.26 -13.71 -10.90
CA LYS B 29 0.98 -13.43 -11.60
C LYS B 29 2.03 -12.91 -10.61
N ILE B 30 1.60 -12.08 -9.66
CA ILE B 30 2.49 -11.55 -8.63
C ILE B 30 2.99 -12.70 -7.73
N GLN B 31 2.11 -13.65 -7.40
CA GLN B 31 2.51 -14.77 -6.56
C GLN B 31 3.63 -15.55 -7.25
N ASP B 32 3.45 -15.76 -8.53
CA ASP B 32 4.43 -16.51 -9.31
C ASP B 32 5.79 -15.81 -9.28
N LYS B 33 5.77 -14.48 -9.38
CA LYS B 33 7.01 -13.70 -9.43
C LYS B 33 7.64 -13.44 -8.06
N GLU B 34 6.82 -13.12 -7.04
CA GLU B 34 7.35 -12.74 -5.72
C GLU B 34 7.11 -13.74 -4.57
N GLY B 35 6.21 -14.69 -4.78
CA GLY B 35 5.94 -15.71 -3.76
C GLY B 35 4.98 -15.24 -2.67
N ILE B 36 4.34 -14.09 -2.91
CA ILE B 36 3.39 -13.53 -1.95
C ILE B 36 2.00 -14.15 -2.17
N PRO B 37 1.43 -14.89 -1.23
CA PRO B 37 0.07 -15.49 -1.44
C PRO B 37 -1.01 -14.42 -1.72
N PRO B 38 -1.88 -14.62 -2.71
CA PRO B 38 -2.97 -13.63 -3.06
C PRO B 38 -3.80 -13.15 -1.86
N ASP B 39 -4.02 -13.97 -0.85
CA ASP B 39 -4.84 -13.56 0.29
C ASP B 39 -4.14 -12.51 1.15
N GLN B 40 -2.82 -12.36 0.98
CA GLN B 40 -2.06 -11.39 1.75
C GLN B 40 -1.79 -10.10 0.96
N GLN B 41 -2.40 -10.00 -0.22
CA GLN B 41 -2.20 -8.83 -1.07
C GLN B 41 -3.44 -7.95 -1.18
N ARG B 42 -3.26 -6.66 -0.94
CA ARG B 42 -4.33 -5.67 -1.07
C ARG B 42 -3.92 -4.66 -2.14
N LEU B 43 -4.72 -4.55 -3.19
CA LEU B 43 -4.40 -3.67 -4.31
C LEU B 43 -5.13 -2.33 -4.18
N ILE B 44 -4.38 -1.24 -4.31
CA ILE B 44 -4.96 0.11 -4.22
C ILE B 44 -4.27 1.08 -5.17
N PHE B 45 -5.08 1.87 -5.90
CA PHE B 45 -4.55 2.85 -6.85
C PHE B 45 -5.31 4.16 -6.72
N ALA B 46 -4.60 5.29 -6.88
CA ALA B 46 -5.21 6.61 -6.78
C ALA B 46 -6.03 6.75 -5.49
N GLY B 47 -5.51 6.20 -4.39
CA GLY B 47 -6.18 6.30 -3.11
C GLY B 47 -7.55 5.65 -3.01
N LYS B 48 -7.88 4.76 -3.94
CA LYS B 48 -9.18 4.07 -3.89
C LYS B 48 -9.02 2.56 -3.66
N GLN B 49 -9.82 2.02 -2.75
CA GLN B 49 -9.82 0.58 -2.48
C GLN B 49 -10.31 -0.21 -3.70
N LEU B 50 -9.45 -1.08 -4.24
CA LEU B 50 -9.81 -1.88 -5.42
C LEU B 50 -10.53 -3.17 -5.04
N GLU B 51 -11.70 -3.37 -5.64
CA GLU B 51 -12.52 -4.56 -5.39
C GLU B 51 -12.31 -5.63 -6.47
N ASP B 52 -12.45 -6.91 -6.06
CA ASP B 52 -12.21 -8.04 -6.96
C ASP B 52 -13.27 -8.18 -8.07
N GLY B 53 -14.45 -7.59 -7.89
CA GLY B 53 -15.50 -7.70 -8.91
C GLY B 53 -15.52 -6.51 -9.88
N ARG B 54 -14.53 -5.62 -9.76
CA ARG B 54 -14.45 -4.44 -10.64
C ARG B 54 -13.25 -4.51 -11.59
N THR B 55 -13.25 -3.68 -12.65
CA THR B 55 -12.16 -3.67 -13.64
C THR B 55 -11.24 -2.47 -13.49
N LEU B 56 -10.09 -2.55 -14.17
CA LEU B 56 -9.11 -1.45 -14.15
C LEU B 56 -9.72 -0.18 -14.71
N SER B 57 -10.49 -0.29 -15.80
CA SER B 57 -11.09 0.91 -16.40
C SER B 57 -12.03 1.61 -15.43
N ASP B 58 -12.67 0.85 -14.57
CA ASP B 58 -13.60 1.45 -13.61
C ASP B 58 -12.87 2.42 -12.67
N TYR B 59 -11.57 2.16 -12.44
CA TYR B 59 -10.78 3.04 -11.57
C TYR B 59 -9.93 4.03 -12.38
N ASN B 60 -10.25 4.18 -13.66
CA ASN B 60 -9.55 5.10 -14.56
C ASN B 60 -8.03 4.92 -14.49
N ILE B 61 -7.59 3.67 -14.40
CA ILE B 61 -6.15 3.38 -14.36
C ILE B 61 -5.63 3.40 -15.80
N GLN B 62 -4.62 4.25 -16.06
CA GLN B 62 -4.05 4.41 -17.41
C GLN B 62 -2.67 3.76 -17.53
N LYS B 63 -2.20 3.66 -18.78
CA LYS B 63 -0.91 3.03 -19.01
C LYS B 63 0.18 3.62 -18.12
N GLU B 64 1.07 2.75 -17.65
CA GLU B 64 2.15 3.13 -16.76
C GLU B 64 1.68 3.59 -15.39
N SER B 65 0.48 3.18 -14.99
CA SER B 65 -0.03 3.50 -13.66
C SER B 65 0.67 2.58 -12.67
N THR B 66 0.90 3.12 -11.46
CA THR B 66 1.56 2.40 -10.37
C THR B 66 0.68 2.36 -9.12
N LEU B 67 0.58 1.19 -8.51
CA LEU B 67 -0.22 1.02 -7.30
C LEU B 67 0.68 0.64 -6.12
N HIS B 68 0.05 0.35 -4.97
CA HIS B 68 0.80 0.01 -3.78
C HIS B 68 0.44 -1.40 -3.32
N LEU B 69 1.44 -2.16 -2.88
CA LEU B 69 1.21 -3.53 -2.43
C LEU B 69 1.37 -3.64 -0.92
N VAL B 70 0.87 -4.74 -0.37
CA VAL B 70 0.94 -4.99 1.06
C VAL B 70 1.50 -6.38 1.34
N LEU B 71 2.02 -6.59 2.54
CA LEU B 71 2.59 -7.88 2.92
C LEU B 71 1.95 -8.40 4.19
N ARG B 72 2.29 -7.79 5.33
CA ARG B 72 1.77 -8.21 6.62
C ARG B 72 2.08 -7.14 7.69
N LEU B 73 2.15 -7.56 8.95
CA LEU B 73 2.47 -6.65 10.04
C LEU B 73 3.98 -6.61 10.29
N ARG B 74 4.40 -5.92 11.34
CA ARG B 74 5.82 -5.81 11.66
C ARG B 74 6.42 -7.17 12.01
N GLY B 75 5.63 -8.02 12.64
CA GLY B 75 6.09 -9.35 13.01
C GLY B 75 6.11 -10.28 11.81
N CYS B 76 5.05 -10.20 10.99
CA CYS B 76 4.91 -11.02 9.79
C CYS B 76 4.97 -12.52 10.13
N LYS A 1 10.14 21.61 12.37
CA LYS A 1 9.86 21.31 13.79
C LYS A 1 10.49 20.01 14.17
N SER A 2 10.31 19.63 15.46
CA SER A 2 10.88 18.44 15.99
C SER A 2 10.30 17.21 15.32
N LYS A 3 8.96 17.04 15.37
CA LYS A 3 8.37 15.86 14.80
C LYS A 3 7.99 16.12 13.38
N ASP A 4 7.68 15.04 12.63
CA ASP A 4 7.35 15.14 11.24
C ASP A 4 5.90 14.82 11.03
N TYR A 5 5.20 15.63 10.22
CA TYR A 5 3.82 15.37 9.89
C TYR A 5 3.74 14.88 8.48
N CYS A 6 2.96 13.81 8.27
CA CYS A 6 2.87 13.18 6.97
C CYS A 6 1.42 13.02 6.61
N LYS A 7 1.05 13.36 5.35
CA LYS A 7 -0.30 13.25 4.87
C LYS A 7 -0.46 11.90 4.23
N VAL A 8 -1.56 11.19 4.51
CA VAL A 8 -1.69 9.88 3.91
C VAL A 8 -2.62 9.92 2.73
N ILE A 9 -2.07 9.62 1.54
CA ILE A 9 -2.87 9.64 0.32
C ILE A 9 -3.37 8.25 -0.09
N PHE A 10 -2.95 7.22 0.65
CA PHE A 10 -3.38 5.85 0.35
C PHE A 10 -4.19 5.26 1.50
N PRO A 11 -5.40 4.74 1.21
CA PRO A 11 -6.28 4.15 2.22
C PRO A 11 -5.71 2.87 2.82
N TYR A 12 -5.88 2.71 4.12
CA TYR A 12 -5.37 1.55 4.81
C TYR A 12 -6.45 0.92 5.67
N GLU A 13 -7.30 0.11 5.06
CA GLU A 13 -8.37 -0.55 5.78
C GLU A 13 -7.76 -1.57 6.74
N ALA A 14 -8.14 -1.46 8.01
CA ALA A 14 -7.66 -2.33 9.10
C ALA A 14 -7.35 -3.75 8.63
N GLN A 15 -6.05 -4.05 8.51
CA GLN A 15 -5.60 -5.35 8.10
C GLN A 15 -5.39 -6.21 9.31
N ASN A 16 -4.81 -5.66 10.38
CA ASN A 16 -4.53 -6.47 11.56
C ASN A 16 -4.66 -5.68 12.84
N ASP A 17 -4.46 -6.37 13.97
CA ASP A 17 -4.55 -5.74 15.28
C ASP A 17 -3.24 -5.04 15.61
N ASP A 18 -2.13 -5.64 15.17
CA ASP A 18 -0.80 -5.08 15.41
C ASP A 18 -0.52 -3.92 14.46
N GLU A 19 -1.46 -3.65 13.56
CA GLU A 19 -1.32 -2.58 12.62
C GLU A 19 -2.32 -1.49 12.94
N LEU A 20 -1.91 -0.24 12.69
CA LEU A 20 -2.74 0.94 12.96
C LEU A 20 -3.65 1.22 11.80
N THR A 21 -4.89 1.65 12.06
CA THR A 21 -5.77 1.88 10.95
C THR A 21 -5.72 3.34 10.61
N ILE A 22 -5.40 3.64 9.33
CA ILE A 22 -5.29 5.00 8.87
C ILE A 22 -6.14 5.16 7.64
N LYS A 23 -6.80 6.32 7.52
CA LYS A 23 -7.67 6.62 6.39
C LYS A 23 -7.09 7.79 5.62
N GLU A 24 -7.42 7.92 4.33
CA GLU A 24 -6.77 8.94 3.56
C GLU A 24 -7.35 10.26 3.93
N GLY A 25 -6.47 11.28 4.01
CA GLY A 25 -6.92 12.59 4.34
C GLY A 25 -6.71 12.85 5.80
N ASP A 26 -5.79 12.12 6.47
CA ASP A 26 -5.51 12.38 7.85
C ASP A 26 -4.03 12.47 8.06
N ILE A 27 -3.62 13.26 9.09
CA ILE A 27 -2.25 13.50 9.40
C ILE A 27 -1.95 12.79 10.69
N VAL A 28 -0.81 12.05 10.75
CA VAL A 28 -0.46 11.35 11.95
C VAL A 28 0.89 11.81 12.39
N THR A 29 1.04 12.09 13.71
CA THR A 29 2.30 12.59 14.18
C THR A 29 3.20 11.43 14.47
N LEU A 30 4.41 11.45 13.87
CA LEU A 30 5.34 10.36 14.02
C LEU A 30 5.88 10.39 15.42
N ILE A 31 5.53 9.36 16.22
CA ILE A 31 5.99 9.21 17.57
C ILE A 31 7.42 8.77 17.61
N ASN A 32 7.78 7.69 16.89
CA ASN A 32 9.14 7.21 16.93
C ASN A 32 9.44 6.50 15.65
N LYS A 33 10.71 6.54 15.19
CA LYS A 33 11.08 5.93 13.94
C LYS A 33 11.28 4.45 14.13
N ASP A 34 11.30 3.73 12.99
CA ASP A 34 11.45 2.29 12.91
C ASP A 34 12.90 1.94 12.82
N CYS A 35 13.17 0.63 12.88
CA CYS A 35 14.53 0.10 12.74
C CYS A 35 15.13 0.45 11.36
N ILE A 36 16.14 -0.31 10.95
CA ILE A 36 16.83 -0.06 9.67
C ILE A 36 15.92 -0.13 8.44
N ASP A 37 15.15 -1.20 8.30
CA ASP A 37 14.27 -1.38 7.14
C ASP A 37 13.35 -0.17 6.91
N VAL A 38 13.44 0.40 5.70
CA VAL A 38 12.63 1.56 5.33
C VAL A 38 11.33 1.12 4.66
N GLY A 39 10.22 1.34 5.35
CA GLY A 39 8.92 0.97 4.84
C GLY A 39 7.91 0.84 5.94
N TRP A 40 8.43 0.73 7.16
CA TRP A 40 7.59 0.61 8.35
C TRP A 40 7.84 1.77 9.29
N TRP A 41 6.80 2.17 9.99
CA TRP A 41 6.84 3.27 10.96
C TRP A 41 5.71 3.09 11.96
N GLU A 42 5.67 3.94 12.98
CA GLU A 42 4.61 3.88 13.93
C GLU A 42 4.08 5.26 14.15
N GLY A 43 2.74 5.37 14.34
CA GLY A 43 2.12 6.65 14.57
C GLY A 43 0.87 6.43 15.38
N GLU A 44 0.27 7.53 15.89
CA GLU A 44 -0.93 7.37 16.66
C GLU A 44 -2.08 7.99 15.94
N LEU A 45 -3.17 7.22 15.80
CA LEU A 45 -4.34 7.74 15.16
C LEU A 45 -5.54 7.21 15.88
N ASN A 46 -6.52 8.08 16.14
CA ASN A 46 -7.73 7.66 16.77
C ASN A 46 -7.41 7.00 18.07
N GLY A 47 -6.39 7.52 18.79
CA GLY A 47 -6.09 7.01 20.10
C GLY A 47 -5.57 5.61 20.01
N ARG A 48 -4.80 5.28 18.95
CA ARG A 48 -4.29 3.94 18.85
C ARG A 48 -2.84 4.01 18.53
N ARG A 49 -2.10 2.90 18.78
CA ARG A 49 -0.72 2.88 18.41
C ARG A 49 -0.48 1.63 17.63
N GLY A 50 0.07 1.78 16.40
CA GLY A 50 0.29 0.63 15.59
C GLY A 50 1.22 1.00 14.47
N VAL A 51 1.79 -0.02 13.82
CA VAL A 51 2.73 0.15 12.72
C VAL A 51 2.02 0.20 11.37
N PHE A 52 2.54 0.99 10.43
CA PHE A 52 1.94 1.07 9.12
C PHE A 52 2.96 1.47 8.10
N PRO A 53 2.77 1.06 6.86
CA PRO A 53 3.69 1.44 5.82
C PRO A 53 3.59 2.88 5.48
N ASP A 54 4.71 3.58 5.61
CA ASP A 54 4.78 5.01 5.32
C ASP A 54 5.14 5.27 3.87
N ASN A 55 5.55 4.24 3.13
CA ASN A 55 5.89 4.41 1.74
C ASN A 55 4.67 4.86 0.99
N PHE A 56 3.54 4.27 1.38
CA PHE A 56 2.24 4.55 0.78
C PHE A 56 1.83 6.02 0.91
N VAL A 57 2.69 6.81 1.56
CA VAL A 57 2.45 8.23 1.76
C VAL A 57 3.69 9.02 1.38
N LYS A 58 3.51 10.28 1.02
CA LYS A 58 4.63 11.14 0.65
C LYS A 58 4.86 12.16 1.76
N LEU A 59 6.10 12.63 1.90
CA LEU A 59 6.41 13.58 2.92
C LEU A 59 6.17 14.95 2.37
N LEU A 60 5.51 15.81 3.16
CA LEU A 60 5.29 17.13 2.67
C LEU A 60 6.46 17.94 3.13
N PRO A 61 7.08 18.64 2.21
CA PRO A 61 8.26 19.37 2.54
C PRO A 61 8.08 20.48 3.52
N PRO A 62 6.98 21.18 3.58
CA PRO A 62 6.88 22.22 4.56
C PRO A 62 6.36 21.64 5.82
N MET B 1 -2.54 -2.91 -21.22
CA MET B 1 -1.67 -1.89 -20.57
C MET B 1 -0.90 -2.55 -19.42
N GLN B 2 0.29 -2.00 -19.12
CA GLN B 2 1.13 -2.53 -18.05
C GLN B 2 0.94 -1.71 -16.79
N ILE B 3 0.90 -2.43 -15.66
CA ILE B 3 0.77 -1.82 -14.34
C ILE B 3 2.00 -2.14 -13.48
N PHE B 4 2.20 -1.41 -12.39
CA PHE B 4 3.37 -1.61 -11.52
C PHE B 4 2.95 -1.97 -10.11
N VAL B 5 3.65 -2.93 -9.50
CA VAL B 5 3.37 -3.32 -8.10
C VAL B 5 4.63 -3.10 -7.27
N LYS B 6 4.52 -2.32 -6.19
CA LYS B 6 5.67 -2.07 -5.32
C LYS B 6 5.58 -2.93 -4.06
N THR B 7 6.71 -3.52 -3.68
CA THR B 7 6.78 -4.35 -2.48
C THR B 7 6.89 -3.50 -1.21
N LEU B 8 7.72 -3.94 -0.27
CA LEU B 8 7.91 -3.24 0.98
C LEU B 8 8.89 -2.09 0.82
N THR B 9 9.98 -2.33 0.08
CA THR B 9 11.00 -1.27 -0.12
C THR B 9 10.69 -0.43 -1.35
N GLY B 10 9.56 -0.71 -2.01
CA GLY B 10 9.13 0.09 -3.16
C GLY B 10 9.61 -0.47 -4.49
N LYS B 11 10.04 -1.74 -4.50
CA LYS B 11 10.54 -2.40 -5.72
C LYS B 11 9.55 -2.25 -6.88
N THR B 12 10.03 -2.38 -8.11
CA THR B 12 9.16 -2.19 -9.29
C THR B 12 8.85 -3.56 -9.90
N ILE B 13 7.58 -3.86 -10.10
CA ILE B 13 7.17 -5.13 -10.69
C ILE B 13 6.32 -4.89 -11.95
N THR B 14 6.76 -5.46 -13.08
CA THR B 14 6.03 -5.31 -14.34
C THR B 14 5.24 -6.58 -14.60
N LEU B 15 3.95 -6.44 -14.93
CA LEU B 15 3.09 -7.60 -15.19
C LEU B 15 2.40 -7.46 -16.53
N GLU B 16 2.11 -8.60 -17.18
CA GLU B 16 1.37 -8.60 -18.43
C GLU B 16 -0.04 -9.04 -18.09
N VAL B 17 -1.02 -8.20 -18.41
CA VAL B 17 -2.42 -8.50 -18.09
C VAL B 17 -3.35 -8.10 -19.22
N GLU B 18 -4.59 -8.56 -19.11
CA GLU B 18 -5.64 -8.23 -20.07
C GLU B 18 -6.73 -7.46 -19.31
N PRO B 19 -7.46 -6.55 -19.91
CA PRO B 19 -8.50 -5.81 -19.16
C PRO B 19 -9.54 -6.73 -18.52
N SER B 20 -9.70 -7.93 -19.09
CA SER B 20 -10.68 -8.90 -18.59
C SER B 20 -10.11 -9.73 -17.45
N ASP B 21 -8.84 -9.54 -17.10
CA ASP B 21 -8.26 -10.29 -16.00
C ASP B 21 -8.86 -9.77 -14.71
N THR B 22 -9.09 -10.72 -13.79
CA THR B 22 -9.63 -10.39 -12.48
C THR B 22 -8.50 -10.04 -11.54
N ILE B 23 -8.85 -9.30 -10.51
CA ILE B 23 -7.87 -8.90 -9.48
C ILE B 23 -7.29 -10.14 -8.81
N GLU B 24 -8.13 -11.15 -8.54
CA GLU B 24 -7.63 -12.38 -7.92
C GLU B 24 -6.58 -12.99 -8.83
N ASN B 25 -6.81 -12.90 -10.14
CA ASN B 25 -5.86 -13.47 -11.09
C ASN B 25 -4.54 -12.68 -11.02
N VAL B 26 -4.65 -11.36 -10.94
CA VAL B 26 -3.45 -10.52 -10.84
C VAL B 26 -2.67 -10.88 -9.59
N LYS B 27 -3.37 -11.11 -8.47
CA LYS B 27 -2.71 -11.49 -7.22
C LYS B 27 -1.96 -12.80 -7.43
N ALA B 28 -2.57 -13.71 -8.17
CA ALA B 28 -1.96 -15.01 -8.42
C ALA B 28 -0.66 -14.85 -9.19
N LYS B 29 -0.63 -13.91 -10.13
CA LYS B 29 0.57 -13.66 -10.91
C LYS B 29 1.67 -13.13 -9.98
N ILE B 30 1.29 -12.26 -9.04
CA ILE B 30 2.23 -11.71 -8.06
C ILE B 30 2.77 -12.84 -7.17
N GLN B 31 1.91 -13.76 -6.76
CA GLN B 31 2.34 -14.87 -5.91
C GLN B 31 3.41 -15.67 -6.64
N ASP B 32 3.17 -15.92 -7.90
CA ASP B 32 4.11 -16.70 -8.70
C ASP B 32 5.47 -16.01 -8.76
N LYS B 33 5.46 -14.69 -8.90
CA LYS B 33 6.70 -13.92 -9.03
C LYS B 33 7.40 -13.62 -7.68
N GLU B 34 6.63 -13.27 -6.64
CA GLU B 34 7.23 -12.85 -5.36
C GLU B 34 7.03 -13.82 -4.18
N GLY B 35 6.12 -14.76 -4.32
CA GLY B 35 5.90 -15.75 -3.26
C GLY B 35 4.98 -15.25 -2.14
N ILE B 36 4.35 -14.11 -2.37
CA ILE B 36 3.46 -13.51 -1.38
C ILE B 36 2.04 -14.12 -1.52
N PRO B 37 1.52 -14.83 -0.54
CA PRO B 37 0.15 -15.43 -0.66
C PRO B 37 -0.94 -14.36 -0.91
N PRO B 38 -1.85 -14.58 -1.86
CA PRO B 38 -2.95 -13.60 -2.18
C PRO B 38 -3.72 -13.07 -0.96
N ASP B 39 -3.89 -13.87 0.08
CA ASP B 39 -4.66 -13.41 1.24
C ASP B 39 -3.91 -12.35 2.04
N GLN B 40 -2.61 -12.21 1.80
CA GLN B 40 -1.80 -11.22 2.52
C GLN B 40 -1.56 -9.97 1.68
N GLN B 41 -2.21 -9.91 0.51
CA GLN B 41 -2.05 -8.78 -0.41
C GLN B 41 -3.26 -7.85 -0.42
N ARG B 42 -2.99 -6.59 -0.77
CA ARG B 42 -4.01 -5.54 -0.88
C ARG B 42 -3.59 -4.58 -2.01
N LEU B 43 -4.40 -4.47 -3.06
CA LEU B 43 -4.03 -3.61 -4.20
C LEU B 43 -4.76 -2.28 -4.13
N ILE B 44 -4.01 -1.18 -4.24
CA ILE B 44 -4.59 0.16 -4.18
C ILE B 44 -3.92 1.10 -5.19
N PHE B 45 -4.73 1.90 -5.90
CA PHE B 45 -4.22 2.85 -6.88
C PHE B 45 -4.92 4.20 -6.71
N ALA B 46 -4.14 5.31 -6.80
CA ALA B 46 -4.68 6.64 -6.65
C ALA B 46 -5.53 6.78 -5.39
N GLY B 47 -5.07 6.15 -4.30
CA GLY B 47 -5.78 6.24 -3.04
C GLY B 47 -7.18 5.62 -3.01
N LYS B 48 -7.47 4.70 -3.91
CA LYS B 48 -8.79 4.06 -3.92
C LYS B 48 -8.68 2.55 -3.65
N GLN B 49 -9.53 2.06 -2.75
CA GLN B 49 -9.58 0.64 -2.43
C GLN B 49 -10.14 -0.16 -3.62
N LEU B 50 -9.31 -1.04 -4.18
CA LEU B 50 -9.72 -1.85 -5.35
C LEU B 50 -10.46 -3.13 -4.93
N GLU B 51 -11.61 -3.34 -5.55
CA GLU B 51 -12.43 -4.53 -5.26
C GLU B 51 -12.27 -5.60 -6.35
N ASP B 52 -12.42 -6.87 -5.92
CA ASP B 52 -12.21 -8.01 -6.81
C ASP B 52 -13.30 -8.15 -7.88
N GLY B 53 -14.47 -7.55 -7.68
CA GLY B 53 -15.56 -7.66 -8.67
C GLY B 53 -15.59 -6.47 -9.65
N ARG B 54 -14.59 -5.59 -9.57
CA ARG B 54 -14.52 -4.42 -10.46
C ARG B 54 -13.35 -4.52 -11.45
N THR B 55 -13.38 -3.69 -12.51
CA THR B 55 -12.31 -3.71 -13.53
C THR B 55 -11.37 -2.51 -13.42
N LEU B 56 -10.24 -2.61 -14.12
CA LEU B 56 -9.25 -1.53 -14.15
C LEU B 56 -9.87 -0.25 -14.70
N SER B 57 -10.66 -0.36 -15.77
CA SER B 57 -11.26 0.83 -16.36
C SER B 57 -12.18 1.56 -15.37
N ASP B 58 -12.80 0.81 -14.48
CA ASP B 58 -13.70 1.43 -13.50
C ASP B 58 -12.92 2.40 -12.60
N TYR B 59 -11.62 2.13 -12.40
CA TYR B 59 -10.79 3.00 -11.56
C TYR B 59 -9.96 3.98 -12.41
N ASN B 60 -10.32 4.12 -13.68
CA ASN B 60 -9.63 5.02 -14.60
C ASN B 60 -8.12 4.82 -14.58
N ILE B 61 -7.68 3.58 -14.48
CA ILE B 61 -6.25 3.28 -14.49
C ILE B 61 -5.77 3.27 -15.94
N GLN B 62 -4.76 4.11 -16.23
CA GLN B 62 -4.23 4.24 -17.60
C GLN B 62 -2.86 3.58 -17.76
N LYS B 63 -2.43 3.47 -19.01
CA LYS B 63 -1.14 2.82 -19.28
C LYS B 63 -0.02 3.41 -18.43
N GLU B 64 0.86 2.54 -17.98
CA GLU B 64 1.99 2.91 -17.13
C GLU B 64 1.55 3.38 -15.74
N SER B 65 0.37 2.99 -15.31
CA SER B 65 -0.10 3.33 -13.97
C SER B 65 0.60 2.41 -12.98
N THR B 66 0.87 2.95 -11.78
CA THR B 66 1.54 2.23 -10.70
C THR B 66 0.69 2.17 -9.43
N LEU B 67 0.62 0.98 -8.83
CA LEU B 67 -0.15 0.79 -7.60
C LEU B 67 0.78 0.49 -6.42
N HIS B 68 0.19 0.21 -5.26
CA HIS B 68 0.97 -0.09 -4.06
C HIS B 68 0.54 -1.43 -3.49
N LEU B 69 1.47 -2.15 -2.86
CA LEU B 69 1.17 -3.45 -2.28
C LEU B 69 1.72 -3.59 -0.87
N VAL B 70 0.92 -4.21 0.01
CA VAL B 70 1.33 -4.42 1.40
C VAL B 70 1.84 -5.86 1.59
N LEU B 71 2.64 -6.07 2.62
CA LEU B 71 3.19 -7.40 2.90
C LEU B 71 2.56 -8.02 4.15
N ARG B 72 2.98 -7.56 5.32
CA ARG B 72 2.47 -8.06 6.60
C ARG B 72 3.01 -7.25 7.77
N LEU B 73 4.19 -7.61 8.25
CA LEU B 73 4.80 -6.88 9.37
C LEU B 73 6.29 -6.61 9.11
N ARG B 74 6.94 -7.51 8.37
CA ARG B 74 8.36 -7.35 8.07
C ARG B 74 8.77 -8.29 6.93
N GLY B 75 9.71 -7.85 6.10
CA GLY B 75 10.18 -8.68 4.99
C GLY B 75 10.33 -7.90 3.70
N CYS B 76 10.45 -8.64 2.59
CA CYS B 76 10.62 -8.05 1.25
C CYS B 76 11.82 -7.11 1.19
N LYS A 1 8.97 22.03 12.78
CA LYS A 1 8.64 21.72 14.18
C LYS A 1 9.29 20.44 14.59
N SER A 2 9.07 20.06 15.86
CA SER A 2 9.67 18.88 16.41
C SER A 2 9.16 17.64 15.73
N LYS A 3 7.83 17.42 15.72
CA LYS A 3 7.29 16.23 15.12
C LYS A 3 6.97 16.47 13.69
N ASP A 4 6.72 15.38 12.92
CA ASP A 4 6.45 15.47 11.52
C ASP A 4 5.01 15.10 11.26
N TYR A 5 4.32 15.88 10.41
CA TYR A 5 2.97 15.58 10.03
C TYR A 5 2.97 15.09 8.63
N CYS A 6 2.23 13.99 8.38
CA CYS A 6 2.23 13.36 7.08
C CYS A 6 0.79 13.16 6.66
N LYS A 7 0.47 13.48 5.38
CA LYS A 7 -0.86 13.32 4.85
C LYS A 7 -0.94 11.97 4.19
N VAL A 8 -2.03 11.22 4.43
CA VAL A 8 -2.09 9.90 3.83
C VAL A 8 -2.97 9.92 2.61
N ILE A 9 -2.35 9.65 1.45
CA ILE A 9 -3.08 9.66 0.18
C ILE A 9 -3.55 8.27 -0.28
N PHE A 10 -3.34 7.25 0.54
CA PHE A 10 -3.77 5.90 0.19
C PHE A 10 -4.67 5.29 1.28
N PRO A 11 -5.79 4.67 0.89
CA PRO A 11 -6.71 4.04 1.84
C PRO A 11 -6.15 2.74 2.41
N TYR A 12 -6.26 2.57 3.72
CA TYR A 12 -5.74 1.40 4.40
C TYR A 12 -6.82 0.76 5.26
N GLU A 13 -6.89 -0.56 5.24
CA GLU A 13 -7.87 -1.29 6.03
C GLU A 13 -7.14 -2.11 7.10
N ALA A 14 -7.47 -1.85 8.37
CA ALA A 14 -6.88 -2.56 9.52
C ALA A 14 -6.54 -4.02 9.22
N GLN A 15 -5.26 -4.34 9.24
CA GLN A 15 -4.80 -5.68 8.98
C GLN A 15 -4.78 -6.45 10.27
N ASN A 16 -4.32 -5.84 11.36
CA ASN A 16 -4.22 -6.58 12.61
C ASN A 16 -4.41 -5.65 13.81
N ASP A 17 -4.33 -6.23 15.00
CA ASP A 17 -4.45 -5.48 16.24
C ASP A 17 -3.12 -4.85 16.61
N ASP A 18 -2.03 -5.54 16.27
CA ASP A 18 -0.68 -5.07 16.55
C ASP A 18 -0.28 -3.95 15.58
N GLU A 19 -1.16 -3.68 14.61
CA GLU A 19 -0.92 -2.66 13.63
C GLU A 19 -1.89 -1.53 13.84
N LEU A 20 -1.42 -0.30 13.54
CA LEU A 20 -2.22 0.92 13.71
C LEU A 20 -3.21 1.06 12.57
N THR A 21 -4.47 1.40 12.89
CA THR A 21 -5.44 1.47 11.83
C THR A 21 -5.51 2.89 11.37
N ILE A 22 -5.30 3.12 10.06
CA ILE A 22 -5.31 4.44 9.49
C ILE A 22 -6.24 4.44 8.32
N LYS A 23 -6.98 5.55 8.15
CA LYS A 23 -7.94 5.69 7.05
C LYS A 23 -7.51 6.86 6.19
N GLU A 24 -7.99 6.94 4.96
CA GLU A 24 -7.50 7.98 4.11
C GLU A 24 -8.16 9.25 4.50
N GLY A 25 -7.37 10.34 4.46
CA GLY A 25 -7.89 11.63 4.81
C GLY A 25 -7.57 11.95 6.23
N ASP A 26 -6.54 11.30 6.83
CA ASP A 26 -6.16 11.64 8.17
C ASP A 26 -4.68 11.87 8.24
N ILE A 27 -4.24 12.71 9.20
CA ILE A 27 -2.87 13.07 9.37
C ILE A 27 -2.39 12.43 10.65
N VAL A 28 -1.20 11.80 10.61
CA VAL A 28 -0.68 11.16 11.79
C VAL A 28 0.67 11.75 12.10
N THR A 29 0.91 12.08 13.38
CA THR A 29 2.16 12.69 13.72
C THR A 29 3.18 11.62 13.96
N LEU A 30 4.32 11.72 13.24
CA LEU A 30 5.35 10.72 13.34
C LEU A 30 6.01 10.84 14.67
N ILE A 31 5.83 9.80 15.52
CA ILE A 31 6.42 9.73 16.83
C ILE A 31 7.88 9.42 16.74
N ASN A 32 8.27 8.34 16.02
CA ASN A 32 9.66 7.99 15.94
C ASN A 32 9.89 7.26 14.65
N LYS A 33 11.11 7.40 14.07
CA LYS A 33 11.42 6.77 12.82
C LYS A 33 11.76 5.32 13.02
N ASP A 34 11.74 4.56 11.90
CA ASP A 34 12.00 3.15 11.84
C ASP A 34 13.46 2.92 11.63
N CYS A 35 13.83 1.63 11.66
CA CYS A 35 15.20 1.18 11.40
C CYS A 35 15.74 1.66 10.04
N ILE A 36 16.72 0.95 9.49
CA ILE A 36 17.34 1.34 8.21
C ILE A 36 16.36 1.30 7.02
N ASP A 37 15.93 0.11 6.63
CA ASP A 37 15.03 -0.05 5.48
C ASP A 37 13.71 0.70 5.66
N VAL A 38 13.30 1.41 4.61
CA VAL A 38 12.05 2.17 4.64
C VAL A 38 10.88 1.30 4.18
N GLY A 39 9.91 1.15 5.06
CA GLY A 39 8.74 0.35 4.78
C GLY A 39 7.81 0.31 5.96
N TRP A 40 8.38 0.43 7.14
CA TRP A 40 7.62 0.43 8.38
C TRP A 40 7.89 1.70 9.19
N TRP A 41 6.95 2.05 10.06
CA TRP A 41 7.05 3.24 10.93
C TRP A 41 6.03 3.11 12.04
N GLU A 42 5.96 4.11 12.90
CA GLU A 42 5.00 4.12 13.98
C GLU A 42 4.43 5.50 14.10
N GLY A 43 3.12 5.58 14.40
CA GLY A 43 2.47 6.85 14.57
C GLY A 43 1.31 6.67 15.50
N GLU A 44 0.71 7.79 15.97
CA GLU A 44 -0.41 7.68 16.87
C GLU A 44 -1.64 8.18 16.20
N LEU A 45 -2.71 7.36 16.25
CA LEU A 45 -3.95 7.76 15.67
C LEU A 45 -5.06 7.27 16.57
N ASN A 46 -6.05 8.13 16.83
CA ASN A 46 -7.17 7.74 17.62
C ASN A 46 -6.69 7.22 18.94
N GLY A 47 -5.64 7.86 19.50
CA GLY A 47 -5.20 7.49 20.82
C GLY A 47 -4.63 6.11 20.82
N ARG A 48 -3.94 5.70 19.72
CA ARG A 48 -3.40 4.37 19.70
C ARG A 48 -1.97 4.46 19.24
N ARG A 49 -1.18 3.42 19.53
CA ARG A 49 0.17 3.41 19.02
C ARG A 49 0.39 2.10 18.35
N GLY A 50 0.81 2.13 17.08
CA GLY A 50 1.01 0.91 16.36
C GLY A 50 1.82 1.20 15.12
N VAL A 51 2.36 0.12 14.53
CA VAL A 51 3.20 0.21 13.33
C VAL A 51 2.38 -0.01 12.06
N PHE A 52 2.82 0.59 10.94
CA PHE A 52 2.12 0.43 9.70
C PHE A 52 3.06 0.61 8.53
N PRO A 53 2.78 -0.03 7.42
CA PRO A 53 3.61 0.13 6.27
C PRO A 53 3.48 1.49 5.66
N ASP A 54 4.60 2.19 5.56
CA ASP A 54 4.63 3.55 5.02
C ASP A 54 4.55 3.56 3.51
N ASN A 55 4.49 2.37 2.91
CA ASN A 55 4.39 2.30 1.47
C ASN A 55 3.12 2.96 1.03
N PHE A 56 2.06 2.75 1.82
CA PHE A 56 0.74 3.30 1.52
C PHE A 56 0.64 4.77 1.89
N VAL A 57 1.77 5.41 2.22
CA VAL A 57 1.77 6.82 2.57
C VAL A 57 2.98 7.49 1.94
N LYS A 58 2.96 8.81 1.88
CA LYS A 58 4.08 9.57 1.33
C LYS A 58 4.30 10.80 2.19
N LEU A 59 5.55 11.23 2.31
CA LEU A 59 5.88 12.36 3.13
C LEU A 59 5.74 13.58 2.31
N LEU A 60 5.10 14.62 2.88
CA LEU A 60 4.97 15.83 2.11
C LEU A 60 6.17 16.65 2.47
N PRO A 61 6.86 17.11 1.47
CA PRO A 61 8.07 17.84 1.70
C PRO A 61 7.91 19.14 2.44
N PRO A 62 6.86 19.88 2.28
CA PRO A 62 6.78 21.11 3.04
C PRO A 62 6.18 20.83 4.37
N MET B 1 -2.38 -3.19 -21.46
CA MET B 1 -1.46 -2.15 -20.92
C MET B 1 -0.65 -2.71 -19.77
N GLN B 2 0.55 -2.18 -19.57
CA GLN B 2 1.43 -2.65 -18.49
C GLN B 2 1.31 -1.72 -17.29
N ILE B 3 1.31 -2.35 -16.11
CA ILE B 3 1.24 -1.63 -14.83
C ILE B 3 2.44 -2.02 -13.95
N PHE B 4 2.67 -1.28 -12.87
CA PHE B 4 3.80 -1.56 -11.98
C PHE B 4 3.31 -1.87 -10.56
N VAL B 5 3.95 -2.87 -9.92
CA VAL B 5 3.61 -3.23 -8.54
C VAL B 5 4.85 -3.08 -7.67
N LYS B 6 4.77 -2.29 -6.61
CA LYS B 6 5.91 -2.09 -5.70
C LYS B 6 5.74 -2.94 -4.44
N THR B 7 6.83 -3.57 -4.02
CA THR B 7 6.83 -4.39 -2.80
C THR B 7 7.08 -3.52 -1.56
N LEU B 8 7.71 -4.11 -0.55
CA LEU B 8 8.00 -3.41 0.71
C LEU B 8 9.03 -2.29 0.52
N THR B 9 10.08 -2.57 -0.24
CA THR B 9 11.13 -1.57 -0.45
C THR B 9 10.88 -0.74 -1.71
N GLY B 10 9.76 -1.01 -2.38
CA GLY B 10 9.38 -0.25 -3.56
C GLY B 10 9.86 -0.86 -4.87
N LYS B 11 10.25 -2.14 -4.84
CA LYS B 11 10.74 -2.85 -6.02
C LYS B 11 9.80 -2.68 -7.22
N THR B 12 10.32 -2.85 -8.43
CA THR B 12 9.48 -2.65 -9.63
C THR B 12 9.15 -4.02 -10.23
N ILE B 13 7.87 -4.26 -10.46
CA ILE B 13 7.42 -5.53 -11.05
C ILE B 13 6.64 -5.28 -12.35
N THR B 14 7.10 -5.90 -13.44
CA THR B 14 6.43 -5.74 -14.73
C THR B 14 5.58 -6.97 -15.01
N LEU B 15 4.31 -6.77 -15.39
CA LEU B 15 3.42 -7.89 -15.66
C LEU B 15 2.77 -7.76 -17.03
N GLU B 16 2.47 -8.89 -17.66
CA GLU B 16 1.78 -8.89 -18.94
C GLU B 16 0.33 -9.25 -18.64
N VAL B 17 -0.59 -8.37 -19.03
CA VAL B 17 -2.01 -8.60 -18.76
C VAL B 17 -2.88 -8.18 -19.94
N GLU B 18 -4.15 -8.57 -19.88
CA GLU B 18 -5.13 -8.22 -20.88
C GLU B 18 -6.21 -7.39 -20.19
N PRO B 19 -6.87 -6.45 -20.83
CA PRO B 19 -7.91 -5.64 -20.15
C PRO B 19 -9.01 -6.49 -19.53
N SER B 20 -9.21 -7.70 -20.08
CA SER B 20 -10.25 -8.59 -19.60
C SER B 20 -9.77 -9.44 -18.42
N ASP B 21 -8.51 -9.29 -18.02
CA ASP B 21 -8.01 -10.05 -16.88
C ASP B 21 -8.65 -9.48 -15.62
N THR B 22 -8.96 -10.39 -14.70
CA THR B 22 -9.54 -10.00 -13.43
C THR B 22 -8.42 -9.68 -12.44
N ILE B 23 -8.78 -8.91 -11.43
CA ILE B 23 -7.83 -8.52 -10.39
C ILE B 23 -7.34 -9.78 -9.66
N GLU B 24 -8.23 -10.73 -9.41
CA GLU B 24 -7.82 -11.97 -8.74
C GLU B 24 -6.76 -12.67 -9.60
N ASN B 25 -6.94 -12.59 -10.90
CA ASN B 25 -5.97 -13.22 -11.81
C ASN B 25 -4.63 -12.50 -11.70
N VAL B 26 -4.67 -11.17 -11.66
CA VAL B 26 -3.44 -10.40 -11.53
C VAL B 26 -2.73 -10.77 -10.23
N LYS B 27 -3.49 -10.93 -9.14
CA LYS B 27 -2.90 -11.31 -7.86
C LYS B 27 -2.20 -12.66 -8.01
N ALA B 28 -2.83 -13.56 -8.75
CA ALA B 28 -2.27 -14.89 -8.94
C ALA B 28 -0.94 -14.81 -9.67
N LYS B 29 -0.83 -13.90 -10.63
CA LYS B 29 0.42 -13.73 -11.35
C LYS B 29 1.51 -13.23 -10.40
N ILE B 30 1.12 -12.32 -9.49
CA ILE B 30 2.07 -11.80 -8.49
C ILE B 30 2.51 -12.92 -7.54
N GLN B 31 1.58 -13.80 -7.15
CA GLN B 31 1.93 -14.91 -6.26
C GLN B 31 2.99 -15.78 -6.91
N ASP B 32 2.78 -16.04 -8.19
CA ASP B 32 3.71 -16.89 -8.93
C ASP B 32 5.11 -16.27 -8.96
N LYS B 33 5.17 -14.95 -9.13
CA LYS B 33 6.44 -14.24 -9.22
C LYS B 33 7.10 -13.94 -7.85
N GLU B 34 6.31 -13.54 -6.86
CA GLU B 34 6.87 -13.11 -5.56
C GLU B 34 6.59 -14.04 -4.36
N GLY B 35 5.63 -14.95 -4.52
CA GLY B 35 5.32 -15.90 -3.45
C GLY B 35 4.39 -15.32 -2.38
N ILE B 36 3.83 -14.16 -2.66
CA ILE B 36 2.92 -13.49 -1.71
C ILE B 36 1.48 -14.03 -1.91
N PRO B 37 0.89 -14.69 -0.93
CA PRO B 37 -0.50 -15.23 -1.10
C PRO B 37 -1.52 -14.11 -1.42
N PRO B 38 -2.42 -14.31 -2.39
CA PRO B 38 -3.45 -13.28 -2.79
C PRO B 38 -4.25 -12.69 -1.61
N ASP B 39 -4.50 -13.45 -0.56
CA ASP B 39 -5.28 -12.94 0.57
C ASP B 39 -4.52 -11.89 1.37
N GLN B 40 -3.19 -11.82 1.18
CA GLN B 40 -2.36 -10.86 1.91
C GLN B 40 -2.04 -9.64 1.05
N GLN B 41 -2.62 -9.57 -0.15
CA GLN B 41 -2.36 -8.46 -1.06
C GLN B 41 -3.46 -7.38 -1.01
N ARG B 42 -3.02 -6.14 -0.81
CA ARG B 42 -3.92 -4.99 -0.78
C ARG B 42 -3.54 -4.05 -1.92
N LEU B 43 -4.40 -3.97 -2.94
CA LEU B 43 -4.11 -3.17 -4.14
C LEU B 43 -4.82 -1.82 -4.06
N ILE B 44 -4.05 -0.75 -4.29
CA ILE B 44 -4.60 0.61 -4.26
C ILE B 44 -3.89 1.53 -5.27
N PHE B 45 -4.66 2.28 -6.04
CA PHE B 45 -4.11 3.21 -7.03
C PHE B 45 -4.83 4.55 -6.96
N ALA B 46 -4.07 5.66 -7.10
CA ALA B 46 -4.64 7.00 -7.04
C ALA B 46 -5.49 7.20 -5.78
N GLY B 47 -5.03 6.64 -4.66
CA GLY B 47 -5.73 6.81 -3.40
C GLY B 47 -7.12 6.19 -3.34
N LYS B 48 -7.41 5.24 -4.22
CA LYS B 48 -8.73 4.58 -4.19
C LYS B 48 -8.61 3.08 -3.90
N GLN B 49 -9.45 2.60 -2.99
CA GLN B 49 -9.48 1.17 -2.65
C GLN B 49 -9.97 0.33 -3.84
N LEU B 50 -9.13 -0.60 -4.30
CA LEU B 50 -9.47 -1.46 -5.45
C LEU B 50 -10.25 -2.71 -5.03
N GLU B 51 -11.42 -2.89 -5.63
CA GLU B 51 -12.29 -4.04 -5.34
C GLU B 51 -12.15 -5.13 -6.40
N ASP B 52 -12.34 -6.39 -5.97
CA ASP B 52 -12.17 -7.55 -6.84
C ASP B 52 -13.25 -7.66 -7.93
N GLY B 53 -14.39 -7.02 -7.75
CA GLY B 53 -15.47 -7.09 -8.75
C GLY B 53 -15.45 -5.92 -9.74
N ARG B 54 -14.42 -5.08 -9.66
CA ARG B 54 -14.31 -3.92 -10.56
C ARG B 54 -13.12 -4.07 -11.53
N THR B 55 -13.11 -3.26 -12.60
CA THR B 55 -12.03 -3.31 -13.62
C THR B 55 -11.06 -2.14 -13.50
N LEU B 56 -9.91 -2.29 -14.18
CA LEU B 56 -8.90 -1.24 -14.20
C LEU B 56 -9.46 0.05 -14.79
N SER B 57 -10.25 -0.05 -15.86
CA SER B 57 -10.80 1.17 -16.47
C SER B 57 -11.70 1.93 -15.50
N ASP B 58 -12.35 1.22 -14.61
CA ASP B 58 -13.24 1.87 -13.65
C ASP B 58 -12.45 2.81 -12.75
N TYR B 59 -11.16 2.52 -12.53
CA TYR B 59 -10.31 3.36 -11.69
C TYR B 59 -9.45 4.30 -12.53
N ASN B 60 -9.78 4.45 -13.81
CA ASN B 60 -9.05 5.31 -14.73
C ASN B 60 -7.54 5.07 -14.68
N ILE B 61 -7.15 3.80 -14.57
CA ILE B 61 -5.73 3.45 -14.56
C ILE B 61 -5.23 3.43 -16.00
N GLN B 62 -4.18 4.22 -16.29
CA GLN B 62 -3.63 4.32 -17.65
C GLN B 62 -2.29 3.61 -17.78
N LYS B 63 -1.84 3.48 -19.04
CA LYS B 63 -0.58 2.78 -19.28
C LYS B 63 0.55 3.35 -18.41
N GLU B 64 1.40 2.44 -17.94
CA GLU B 64 2.53 2.78 -17.08
C GLU B 64 2.09 3.30 -15.71
N SER B 65 0.88 2.94 -15.28
CA SER B 65 0.41 3.31 -13.96
C SER B 65 1.07 2.37 -12.95
N THR B 66 1.36 2.94 -11.76
CA THR B 66 2.01 2.20 -10.67
C THR B 66 1.21 2.31 -9.36
N LEU B 67 1.17 1.22 -8.61
CA LEU B 67 0.46 1.18 -7.33
C LEU B 67 1.40 0.72 -6.21
N HIS B 68 0.83 0.36 -5.06
CA HIS B 68 1.61 -0.06 -3.91
C HIS B 68 1.04 -1.34 -3.33
N LEU B 69 1.85 -2.07 -2.56
CA LEU B 69 1.42 -3.32 -1.94
C LEU B 69 1.83 -3.40 -0.48
N VAL B 70 1.35 -4.43 0.20
CA VAL B 70 1.66 -4.66 1.60
C VAL B 70 2.34 -6.02 1.78
N LEU B 71 3.41 -6.05 2.56
CA LEU B 71 4.14 -7.28 2.82
C LEU B 71 4.11 -7.64 4.30
N ARG B 72 4.88 -8.66 4.68
CA ARG B 72 4.95 -9.12 6.07
C ARG B 72 6.39 -9.45 6.43
N LEU B 73 7.07 -8.53 7.11
CA LEU B 73 8.45 -8.75 7.50
C LEU B 73 8.66 -8.39 8.96
N ARG B 74 7.95 -7.36 9.42
CA ARG B 74 8.06 -6.90 10.80
C ARG B 74 6.76 -6.23 11.25
N GLY B 75 5.87 -7.03 11.84
CA GLY B 75 4.60 -6.50 12.31
C GLY B 75 3.45 -7.43 12.00
N CYS B 76 2.45 -6.91 11.30
CA CYS B 76 1.25 -7.68 10.93
C CYS B 76 0.54 -8.22 12.16
N LYS A 1 9.56 22.19 12.01
CA LYS A 1 9.28 21.90 13.43
C LYS A 1 9.95 20.63 13.84
N SER A 2 9.78 20.26 15.11
CA SER A 2 10.39 19.09 15.66
C SER A 2 9.87 17.85 15.02
N LYS A 3 8.54 17.62 15.05
CA LYS A 3 7.99 16.40 14.50
C LYS A 3 7.62 16.64 13.06
N ASP A 4 7.35 15.54 12.33
CA ASP A 4 7.03 15.61 10.94
C ASP A 4 5.58 15.23 10.74
N TYR A 5 4.86 16.00 9.89
CA TYR A 5 3.50 15.69 9.56
C TYR A 5 3.45 15.18 8.16
N CYS A 6 2.71 14.06 7.96
CA CYS A 6 2.65 13.43 6.67
C CYS A 6 1.21 13.21 6.30
N LYS A 7 0.84 13.52 5.04
CA LYS A 7 -0.50 13.34 4.55
C LYS A 7 -0.60 11.99 3.91
N VAL A 8 -1.68 11.23 4.20
CA VAL A 8 -1.76 9.91 3.62
C VAL A 8 -2.67 9.91 2.43
N ILE A 9 -2.10 9.57 1.27
CA ILE A 9 -2.86 9.49 0.01
C ILE A 9 -3.58 8.14 -0.12
N PHE A 10 -2.81 7.06 -0.27
CA PHE A 10 -3.36 5.72 -0.41
C PHE A 10 -3.87 5.19 0.94
N PRO A 11 -5.14 4.75 1.01
CA PRO A 11 -5.74 4.21 2.24
C PRO A 11 -5.03 2.94 2.72
N TYR A 12 -5.04 2.74 4.03
CA TYR A 12 -4.39 1.56 4.61
C TYR A 12 -5.32 0.84 5.56
N GLU A 13 -5.80 -0.33 5.15
CA GLU A 13 -6.68 -1.12 5.99
C GLU A 13 -5.85 -1.96 6.96
N ALA A 14 -6.08 -1.75 8.27
CA ALA A 14 -5.38 -2.46 9.34
C ALA A 14 -5.06 -3.90 8.97
N GLN A 15 -3.78 -4.18 8.79
CA GLN A 15 -3.32 -5.48 8.42
C GLN A 15 -3.21 -6.34 9.65
N ASN A 16 -2.69 -5.79 10.76
CA ASN A 16 -2.50 -6.61 11.94
C ASN A 16 -2.93 -5.88 13.21
N ASP A 17 -2.92 -6.62 14.32
CA ASP A 17 -3.30 -6.08 15.62
C ASP A 17 -2.17 -5.23 16.18
N ASP A 18 -0.94 -5.69 15.95
CA ASP A 18 0.26 -4.98 16.40
C ASP A 18 0.55 -3.77 15.51
N GLU A 19 -0.33 -3.54 14.55
CA GLU A 19 -0.19 -2.44 13.63
C GLU A 19 -1.25 -1.42 13.92
N LEU A 20 -0.89 -0.13 13.73
CA LEU A 20 -1.80 1.00 13.99
C LEU A 20 -2.81 1.12 12.87
N THR A 21 -4.06 1.44 13.21
CA THR A 21 -5.05 1.50 12.16
C THR A 21 -5.17 2.94 11.74
N ILE A 22 -4.99 3.19 10.42
CA ILE A 22 -5.05 4.53 9.89
C ILE A 22 -5.99 4.53 8.72
N LYS A 23 -6.77 5.62 8.60
CA LYS A 23 -7.75 5.75 7.51
C LYS A 23 -7.30 6.88 6.60
N GLU A 24 -7.75 6.88 5.34
CA GLU A 24 -7.23 7.86 4.44
C GLU A 24 -7.88 9.17 4.75
N GLY A 25 -7.07 10.24 4.65
CA GLY A 25 -7.58 11.55 4.92
C GLY A 25 -7.27 11.95 6.33
N ASP A 26 -6.26 11.34 6.98
CA ASP A 26 -5.90 11.75 8.31
C ASP A 26 -4.41 11.95 8.39
N ILE A 27 -3.99 12.85 9.30
CA ILE A 27 -2.61 13.20 9.48
C ILE A 27 -2.16 12.63 10.79
N VAL A 28 -0.98 11.97 10.82
CA VAL A 28 -0.49 11.40 12.04
C VAL A 28 0.86 11.99 12.34
N THR A 29 1.09 12.39 13.60
CA THR A 29 2.34 13.01 13.92
C THR A 29 3.34 11.94 14.24
N LEU A 30 4.50 11.98 13.55
CA LEU A 30 5.51 10.98 13.72
C LEU A 30 6.15 11.16 15.06
N ILE A 31 5.93 10.19 15.96
CA ILE A 31 6.50 10.18 17.28
C ILE A 31 7.96 9.85 17.24
N ASN A 32 8.34 8.72 16.59
CA ASN A 32 9.73 8.35 16.55
C ASN A 32 9.98 7.53 15.31
N LYS A 33 11.20 7.63 14.76
CA LYS A 33 11.53 6.91 13.54
C LYS A 33 11.84 5.48 13.83
N ASP A 34 11.82 4.66 12.76
CA ASP A 34 12.06 3.23 12.79
C ASP A 34 13.52 2.97 12.62
N CYS A 35 13.88 1.69 12.79
CA CYS A 35 15.26 1.19 12.62
C CYS A 35 15.79 1.44 11.19
N ILE A 36 16.47 0.46 10.62
CA ILE A 36 17.04 0.60 9.28
C ILE A 36 16.02 0.29 8.17
N ASP A 37 14.99 -0.46 8.51
CA ASP A 37 13.96 -0.83 7.54
C ASP A 37 13.23 0.39 6.96
N VAL A 38 13.34 0.54 5.64
CA VAL A 38 12.69 1.65 4.95
C VAL A 38 11.32 1.23 4.45
N GLY A 39 10.31 1.49 5.27
CA GLY A 39 8.94 1.12 4.94
C GLY A 39 8.07 1.07 6.16
N TRP A 40 8.72 1.10 7.32
CA TRP A 40 8.01 1.06 8.59
C TRP A 40 8.24 2.33 9.39
N TRP A 41 7.25 2.67 10.20
CA TRP A 41 7.28 3.87 11.05
C TRP A 41 6.26 3.69 12.17
N GLU A 42 6.23 4.63 13.10
CA GLU A 42 5.26 4.58 14.16
C GLU A 42 4.66 5.94 14.33
N GLY A 43 3.35 5.98 14.63
CA GLY A 43 2.67 7.23 14.83
C GLY A 43 1.50 7.01 15.76
N GLU A 44 0.88 8.10 16.25
CA GLU A 44 -0.23 7.94 17.14
C GLU A 44 -1.47 8.42 16.49
N LEU A 45 -2.53 7.58 16.52
CA LEU A 45 -3.78 7.97 15.95
C LEU A 45 -4.87 7.42 16.82
N ASN A 46 -5.88 8.27 17.10
CA ASN A 46 -7.00 7.82 17.88
C ASN A 46 -6.52 7.28 19.19
N GLY A 47 -5.48 7.92 19.77
CA GLY A 47 -5.03 7.53 21.07
C GLY A 47 -4.42 6.16 21.03
N ARG A 48 -3.74 5.80 19.94
CA ARG A 48 -3.15 4.49 19.88
C ARG A 48 -1.73 4.62 19.42
N ARG A 49 -0.91 3.58 19.68
CA ARG A 49 0.43 3.63 19.18
C ARG A 49 0.70 2.33 18.48
N GLY A 50 1.11 2.41 17.20
CA GLY A 50 1.35 1.21 16.44
C GLY A 50 2.14 1.55 15.22
N VAL A 51 2.71 0.52 14.60
CA VAL A 51 3.54 0.66 13.40
C VAL A 51 2.70 0.60 12.13
N PHE A 52 3.09 1.36 11.10
CA PHE A 52 2.36 1.36 9.87
C PHE A 52 3.26 1.74 8.72
N PRO A 53 2.97 1.25 7.54
CA PRO A 53 3.76 1.62 6.39
C PRO A 53 3.55 3.04 5.99
N ASP A 54 4.65 3.78 5.96
CA ASP A 54 4.62 5.19 5.59
C ASP A 54 5.03 5.40 4.14
N ASN A 55 5.66 4.38 3.53
CA ASN A 55 6.08 4.50 2.15
C ASN A 55 4.88 4.70 1.28
N PHE A 56 3.79 3.99 1.61
CA PHE A 56 2.52 4.04 0.88
C PHE A 56 1.95 5.46 0.79
N VAL A 57 2.62 6.39 1.44
CA VAL A 57 2.20 7.78 1.45
C VAL A 57 3.37 8.67 1.05
N LYS A 58 3.07 9.76 0.35
CA LYS A 58 4.10 10.70 -0.08
C LYS A 58 4.29 11.75 1.00
N LEU A 59 5.55 12.13 1.28
CA LEU A 59 5.81 13.10 2.29
C LEU A 59 5.76 14.46 1.67
N LEU A 60 5.10 15.42 2.34
CA LEU A 60 5.06 16.72 1.77
C LEU A 60 6.22 17.45 2.34
N PRO A 61 7.01 18.04 1.49
CA PRO A 61 8.21 18.69 1.95
C PRO A 61 8.01 19.86 2.86
N PRO A 62 6.98 20.65 2.73
CA PRO A 62 6.85 21.74 3.66
C PRO A 62 6.13 21.27 4.87
N MET B 1 -1.16 -3.19 -21.97
CA MET B 1 -0.33 -2.16 -21.30
C MET B 1 0.26 -2.74 -20.02
N GLN B 2 1.43 -2.23 -19.63
CA GLN B 2 2.10 -2.70 -18.42
C GLN B 2 1.80 -1.77 -17.25
N ILE B 3 1.60 -2.38 -16.09
CA ILE B 3 1.34 -1.66 -14.84
C ILE B 3 2.41 -2.01 -13.81
N PHE B 4 2.46 -1.25 -12.70
CA PHE B 4 3.47 -1.49 -11.66
C PHE B 4 2.80 -1.81 -10.33
N VAL B 5 3.37 -2.78 -9.59
CA VAL B 5 2.85 -3.14 -8.26
C VAL B 5 3.96 -2.95 -7.24
N LYS B 6 3.70 -2.14 -6.20
CA LYS B 6 4.71 -1.91 -5.15
C LYS B 6 4.39 -2.75 -3.92
N THR B 7 5.42 -3.38 -3.36
CA THR B 7 5.27 -4.16 -2.14
C THR B 7 5.25 -3.26 -0.89
N LEU B 8 5.63 -3.82 0.26
CA LEU B 8 5.65 -3.09 1.52
C LEU B 8 6.68 -1.96 1.54
N THR B 9 7.86 -2.23 0.99
CA THR B 9 8.94 -1.23 0.99
C THR B 9 8.92 -0.38 -0.27
N GLY B 10 7.93 -0.62 -1.13
CA GLY B 10 7.78 0.17 -2.36
C GLY B 10 8.48 -0.42 -3.57
N LYS B 11 8.87 -1.70 -3.48
CA LYS B 11 9.58 -2.39 -4.58
C LYS B 11 8.85 -2.20 -5.91
N THR B 12 9.57 -2.37 -7.02
CA THR B 12 8.95 -2.14 -8.35
C THR B 12 8.73 -3.50 -9.01
N ILE B 13 7.50 -3.73 -9.48
CA ILE B 13 7.15 -4.99 -10.14
C ILE B 13 6.47 -4.72 -11.48
N THR B 14 7.04 -5.25 -12.57
CA THR B 14 6.46 -5.05 -13.89
C THR B 14 5.70 -6.32 -14.30
N LEU B 15 4.46 -6.18 -14.76
CA LEU B 15 3.66 -7.33 -15.16
C LEU B 15 3.12 -7.14 -16.57
N GLU B 16 2.93 -8.26 -17.28
CA GLU B 16 2.34 -8.23 -18.61
C GLU B 16 0.89 -8.68 -18.45
N VAL B 17 -0.04 -7.83 -18.86
CA VAL B 17 -1.47 -8.15 -18.71
C VAL B 17 -2.26 -7.72 -19.93
N GLU B 18 -3.50 -8.19 -19.98
CA GLU B 18 -4.43 -7.83 -21.05
C GLU B 18 -5.62 -7.09 -20.40
N PRO B 19 -6.27 -6.16 -21.05
CA PRO B 19 -7.41 -5.46 -20.41
C PRO B 19 -8.51 -6.40 -19.92
N SER B 20 -8.59 -7.58 -20.54
CA SER B 20 -9.60 -8.56 -20.19
C SER B 20 -9.17 -9.44 -19.02
N ASP B 21 -7.95 -9.24 -18.52
CA ASP B 21 -7.50 -10.03 -17.39
C ASP B 21 -8.25 -9.57 -16.16
N THR B 22 -8.59 -10.55 -15.31
CA THR B 22 -9.28 -10.26 -14.06
C THR B 22 -8.26 -9.93 -12.97
N ILE B 23 -8.74 -9.23 -11.97
CA ILE B 23 -7.90 -8.86 -10.83
C ILE B 23 -7.38 -10.11 -10.13
N GLU B 24 -8.23 -11.14 -10.00
CA GLU B 24 -7.81 -12.38 -9.36
C GLU B 24 -6.65 -12.97 -10.16
N ASN B 25 -6.73 -12.84 -11.48
CA ASN B 25 -5.66 -13.36 -12.34
C ASN B 25 -4.38 -12.58 -12.09
N VAL B 26 -4.50 -11.26 -11.97
CA VAL B 26 -3.33 -10.42 -11.72
C VAL B 26 -2.69 -10.82 -10.38
N LYS B 27 -3.53 -11.09 -9.36
CA LYS B 27 -3.01 -11.50 -8.06
C LYS B 27 -2.22 -12.79 -8.22
N ALA B 28 -2.74 -13.69 -9.06
CA ALA B 28 -2.09 -14.97 -9.27
C ALA B 28 -0.72 -14.79 -9.88
N LYS B 29 -0.59 -13.82 -10.79
CA LYS B 29 0.69 -13.54 -11.40
C LYS B 29 1.67 -13.03 -10.34
N ILE B 30 1.19 -12.20 -9.41
CA ILE B 30 2.01 -11.68 -8.32
C ILE B 30 2.44 -12.82 -7.40
N GLN B 31 1.54 -13.77 -7.14
CA GLN B 31 1.88 -14.91 -6.28
C GLN B 31 3.04 -15.68 -6.89
N ASP B 32 2.95 -15.88 -8.18
CA ASP B 32 3.97 -16.64 -8.90
C ASP B 32 5.33 -15.94 -8.78
N LYS B 33 5.33 -14.61 -8.87
CA LYS B 33 6.57 -13.84 -8.83
C LYS B 33 7.10 -13.57 -7.40
N GLU B 34 6.21 -13.26 -6.45
CA GLU B 34 6.66 -12.89 -5.10
C GLU B 34 6.33 -13.89 -3.98
N GLY B 35 5.44 -14.84 -4.25
CA GLY B 35 5.11 -15.86 -3.26
C GLY B 35 4.07 -15.39 -2.23
N ILE B 36 3.46 -14.25 -2.51
CA ILE B 36 2.44 -13.69 -1.60
C ILE B 36 1.07 -14.30 -1.93
N PRO B 37 0.43 -15.04 -1.04
CA PRO B 37 -0.91 -15.65 -1.34
C PRO B 37 -1.97 -14.57 -1.68
N PRO B 38 -2.77 -14.77 -2.73
CA PRO B 38 -3.82 -13.78 -3.15
C PRO B 38 -4.74 -13.30 -2.01
N ASP B 39 -5.02 -14.13 -1.03
CA ASP B 39 -5.92 -13.71 0.06
C ASP B 39 -5.28 -12.67 0.97
N GLN B 40 -3.96 -12.52 0.89
CA GLN B 40 -3.25 -11.55 1.73
C GLN B 40 -2.93 -10.27 0.95
N GLN B 41 -3.46 -10.15 -0.25
CA GLN B 41 -3.21 -8.98 -1.10
C GLN B 41 -4.39 -8.01 -1.12
N ARG B 42 -4.06 -6.71 -1.19
CA ARG B 42 -5.05 -5.64 -1.25
C ARG B 42 -4.57 -4.60 -2.26
N LEU B 43 -5.30 -4.43 -3.37
CA LEU B 43 -4.86 -3.53 -4.43
C LEU B 43 -5.54 -2.17 -4.30
N ILE B 44 -4.73 -1.10 -4.35
CA ILE B 44 -5.28 0.26 -4.24
C ILE B 44 -4.59 1.20 -5.22
N PHE B 45 -5.38 1.96 -5.98
CA PHE B 45 -4.85 2.93 -6.94
C PHE B 45 -5.54 4.27 -6.78
N ALA B 46 -4.75 5.37 -6.82
CA ALA B 46 -5.30 6.71 -6.66
C ALA B 46 -6.16 6.82 -5.41
N GLY B 47 -5.74 6.19 -4.32
CA GLY B 47 -6.47 6.27 -3.08
C GLY B 47 -7.86 5.64 -3.08
N LYS B 48 -8.12 4.71 -3.99
CA LYS B 48 -9.43 4.03 -4.03
C LYS B 48 -9.30 2.53 -3.79
N GLN B 49 -10.14 2.01 -2.91
CA GLN B 49 -10.17 0.58 -2.62
C GLN B 49 -10.70 -0.19 -3.84
N LEU B 50 -9.85 -1.04 -4.44
CA LEU B 50 -10.25 -1.81 -5.62
C LEU B 50 -11.04 -3.07 -5.25
N GLU B 51 -12.13 -3.29 -5.97
CA GLU B 51 -12.99 -4.46 -5.72
C GLU B 51 -12.75 -5.56 -6.77
N ASP B 52 -12.94 -6.81 -6.34
CA ASP B 52 -12.68 -7.98 -7.20
C ASP B 52 -13.69 -8.12 -8.35
N GLY B 53 -14.85 -7.50 -8.26
CA GLY B 53 -15.86 -7.61 -9.33
C GLY B 53 -15.79 -6.44 -10.33
N ARG B 54 -14.79 -5.58 -10.18
CA ARG B 54 -14.65 -4.42 -11.07
C ARG B 54 -13.39 -4.54 -11.96
N THR B 55 -13.33 -3.73 -13.04
CA THR B 55 -12.18 -3.78 -13.97
C THR B 55 -11.25 -2.58 -13.80
N LEU B 56 -10.06 -2.71 -14.41
CA LEU B 56 -9.07 -1.64 -14.37
C LEU B 56 -9.62 -0.36 -14.99
N SER B 57 -10.33 -0.48 -16.12
CA SER B 57 -10.86 0.71 -16.77
C SER B 57 -11.85 1.46 -15.88
N ASP B 58 -12.55 0.73 -15.02
CA ASP B 58 -13.51 1.37 -14.12
C ASP B 58 -12.81 2.34 -13.19
N TYR B 59 -11.53 2.07 -12.88
CA TYR B 59 -10.76 2.96 -11.98
C TYR B 59 -9.86 3.91 -12.77
N ASN B 60 -10.11 4.04 -14.07
CA ASN B 60 -9.33 4.92 -14.95
C ASN B 60 -7.83 4.69 -14.80
N ILE B 61 -7.41 3.45 -14.65
CA ILE B 61 -6.00 3.14 -14.53
C ILE B 61 -5.40 3.11 -15.95
N GLN B 62 -4.35 3.92 -16.17
CA GLN B 62 -3.72 4.03 -17.48
C GLN B 62 -2.35 3.35 -17.52
N LYS B 63 -1.82 3.22 -18.74
CA LYS B 63 -0.52 2.55 -18.89
C LYS B 63 0.54 3.15 -17.96
N GLU B 64 1.36 2.27 -17.42
CA GLU B 64 2.43 2.64 -16.49
C GLU B 64 1.89 3.15 -15.15
N SER B 65 0.66 2.77 -14.81
CA SER B 65 0.09 3.14 -13.52
C SER B 65 0.71 2.22 -12.47
N THR B 66 0.88 2.78 -11.25
CA THR B 66 1.46 2.05 -10.12
C THR B 66 0.50 1.99 -8.93
N LEU B 67 0.32 0.78 -8.39
CA LEU B 67 -0.56 0.56 -7.25
C LEU B 67 0.25 0.21 -6.00
N HIS B 68 -0.45 -0.07 -4.90
CA HIS B 68 0.21 -0.41 -3.65
C HIS B 68 -0.31 -1.76 -3.15
N LEU B 69 0.59 -2.54 -2.53
CA LEU B 69 0.21 -3.85 -2.02
C LEU B 69 0.67 -4.03 -0.57
N VAL B 70 -0.03 -4.91 0.14
CA VAL B 70 0.29 -5.20 1.53
C VAL B 70 1.00 -6.55 1.63
N LEU B 71 1.59 -6.84 2.78
CA LEU B 71 2.31 -8.10 2.96
C LEU B 71 1.98 -8.75 4.31
N ARG B 72 2.62 -8.25 5.38
CA ARG B 72 2.42 -8.80 6.71
C ARG B 72 2.82 -7.78 7.78
N LEU B 73 2.95 -8.26 9.02
CA LEU B 73 3.33 -7.41 10.14
C LEU B 73 4.80 -7.00 10.03
N ARG B 74 5.66 -7.99 9.75
CA ARG B 74 7.09 -7.74 9.60
C ARG B 74 7.82 -9.02 9.16
N GLY B 75 9.01 -8.85 8.58
CA GLY B 75 9.78 -9.99 8.12
C GLY B 75 9.74 -10.14 6.61
N CYS B 76 8.90 -11.07 6.14
CA CYS B 76 8.74 -11.34 4.71
C CYS B 76 10.05 -11.86 4.10
N LYS A 1 9.60 21.82 12.33
CA LYS A 1 9.28 21.57 13.74
C LYS A 1 9.91 20.29 14.21
N SER A 2 9.69 19.97 15.50
CA SER A 2 10.26 18.81 16.09
C SER A 2 9.73 17.56 15.46
N LYS A 3 8.39 17.36 15.47
CA LYS A 3 7.83 16.14 14.94
C LYS A 3 7.49 16.35 13.50
N ASP A 4 7.23 15.22 12.78
CA ASP A 4 6.94 15.27 11.37
C ASP A 4 5.49 14.91 11.14
N TYR A 5 4.82 15.67 10.26
CA TYR A 5 3.46 15.38 9.91
C TYR A 5 3.44 14.82 8.52
N CYS A 6 2.67 13.73 8.32
CA CYS A 6 2.64 13.05 7.05
C CYS A 6 1.21 12.85 6.65
N LYS A 7 0.88 13.13 5.37
CA LYS A 7 -0.46 12.98 4.85
C LYS A 7 -0.57 11.60 4.25
N VAL A 8 -1.68 10.88 4.53
CA VAL A 8 -1.77 9.55 3.99
C VAL A 8 -2.65 9.53 2.77
N ILE A 9 -2.06 9.20 1.62
CA ILE A 9 -2.80 9.18 0.35
C ILE A 9 -3.26 7.78 -0.06
N PHE A 10 -3.28 6.83 0.87
CA PHE A 10 -3.74 5.46 0.58
C PHE A 10 -4.63 4.94 1.71
N PRO A 11 -5.69 4.18 1.37
CA PRO A 11 -6.60 3.63 2.36
C PRO A 11 -6.03 2.39 3.06
N TYR A 12 -6.17 2.36 4.37
CA TYR A 12 -5.66 1.26 5.17
C TYR A 12 -6.76 0.69 6.08
N GLU A 13 -7.41 -0.38 5.61
CA GLU A 13 -8.45 -1.02 6.38
C GLU A 13 -7.84 -1.83 7.52
N ALA A 14 -8.21 -1.50 8.75
CA ALA A 14 -7.72 -2.17 9.97
C ALA A 14 -7.42 -3.65 9.75
N GLN A 15 -6.14 -3.98 9.66
CA GLN A 15 -5.71 -5.34 9.47
C GLN A 15 -5.63 -6.03 10.79
N ASN A 16 -5.10 -5.36 11.82
CA ASN A 16 -4.94 -6.04 13.11
C ASN A 16 -5.12 -5.06 14.27
N ASP A 17 -5.07 -5.62 15.48
CA ASP A 17 -5.20 -4.82 16.70
C ASP A 17 -3.87 -4.16 17.06
N ASP A 18 -2.78 -4.83 16.71
CA ASP A 18 -1.43 -4.33 16.99
C ASP A 18 -1.02 -3.29 15.96
N GLU A 19 -1.85 -3.11 14.93
CA GLU A 19 -1.60 -2.17 13.89
C GLU A 19 -2.54 -1.01 14.02
N LEU A 20 -2.05 0.18 13.64
CA LEU A 20 -2.83 1.43 13.74
C LEU A 20 -3.73 1.57 12.53
N THR A 21 -4.97 2.00 12.73
CA THR A 21 -5.85 2.08 11.60
C THR A 21 -5.82 3.49 11.09
N ILE A 22 -5.49 3.66 9.79
CA ILE A 22 -5.40 4.95 9.19
C ILE A 22 -6.24 4.97 7.94
N LYS A 23 -6.91 6.10 7.70
CA LYS A 23 -7.78 6.25 6.53
C LYS A 23 -7.28 7.42 5.70
N GLU A 24 -7.69 7.52 4.44
CA GLU A 24 -7.13 8.55 3.63
C GLU A 24 -7.75 9.84 4.00
N GLY A 25 -6.91 10.90 4.01
CA GLY A 25 -7.38 12.20 4.36
C GLY A 25 -7.11 12.49 5.80
N ASP A 26 -6.13 11.80 6.42
CA ASP A 26 -5.78 12.10 7.79
C ASP A 26 -4.29 12.26 7.91
N ILE A 27 -3.86 13.08 8.90
CA ILE A 27 -2.48 13.37 9.14
C ILE A 27 -2.08 12.70 10.42
N VAL A 28 -0.92 12.01 10.42
CA VAL A 28 -0.48 11.34 11.60
C VAL A 28 0.88 11.86 11.97
N THR A 29 1.09 12.17 13.27
CA THR A 29 2.36 12.73 13.66
C THR A 29 3.31 11.60 13.92
N LEU A 30 4.49 11.67 13.26
CA LEU A 30 5.46 10.62 13.38
C LEU A 30 6.09 10.69 14.74
N ILE A 31 5.82 9.66 15.57
CA ILE A 31 6.35 9.54 16.90
C ILE A 31 7.81 9.17 16.86
N ASN A 32 8.16 8.08 16.14
CA ASN A 32 9.54 7.67 16.11
C ASN A 32 9.80 6.96 14.82
N LYS A 33 11.04 7.04 14.29
CA LYS A 33 11.38 6.41 13.04
C LYS A 33 11.64 4.95 13.23
N ASP A 34 11.63 4.21 12.10
CA ASP A 34 11.83 2.78 12.04
C ASP A 34 13.29 2.49 11.88
N CYS A 35 13.61 1.19 12.00
CA CYS A 35 14.96 0.66 11.82
C CYS A 35 15.51 0.95 10.41
N ILE A 36 16.34 0.05 9.88
CA ILE A 36 16.94 0.24 8.56
C ILE A 36 15.90 0.16 7.44
N ASP A 37 15.29 -1.01 7.29
CA ASP A 37 14.29 -1.22 6.23
C ASP A 37 13.11 -0.26 6.36
N VAL A 38 12.95 0.59 5.36
CA VAL A 38 11.86 1.56 5.34
C VAL A 38 10.57 0.89 4.91
N GLY A 39 9.61 0.86 5.82
CA GLY A 39 8.34 0.23 5.53
C GLY A 39 7.44 0.22 6.75
N TRP A 40 8.05 0.35 7.92
CA TRP A 40 7.30 0.38 9.16
C TRP A 40 7.50 1.69 9.88
N TRP A 41 6.52 2.08 10.68
CA TRP A 41 6.55 3.30 11.47
C TRP A 41 5.46 3.24 12.51
N GLU A 42 5.39 4.23 13.38
CA GLU A 42 4.35 4.30 14.36
C GLU A 42 3.86 5.72 14.44
N GLY A 43 2.53 5.87 14.65
CA GLY A 43 1.95 7.18 14.77
C GLY A 43 0.71 7.07 15.61
N GLU A 44 0.14 8.23 16.02
CA GLU A 44 -1.05 8.20 16.83
C GLU A 44 -2.19 8.75 16.07
N LEU A 45 -3.31 8.00 16.04
CA LEU A 45 -4.48 8.47 15.37
C LEU A 45 -5.68 8.05 16.17
N ASN A 46 -6.63 8.97 16.36
CA ASN A 46 -7.83 8.65 17.06
C ASN A 46 -7.49 8.11 18.41
N GLY A 47 -6.44 8.68 19.06
CA GLY A 47 -6.12 8.30 20.40
C GLY A 47 -5.64 6.89 20.44
N ARG A 48 -4.90 6.44 19.41
CA ARG A 48 -4.42 5.08 19.43
C ARG A 48 -2.98 5.07 19.07
N ARG A 49 -2.26 3.99 19.42
CA ARG A 49 -0.89 3.90 19.03
C ARG A 49 -0.69 2.57 18.38
N GLY A 50 -0.17 2.57 17.14
CA GLY A 50 0.01 1.35 16.44
C GLY A 50 0.92 1.58 15.26
N VAL A 51 1.44 0.46 14.71
CA VAL A 51 2.37 0.48 13.59
C VAL A 51 1.66 0.25 12.25
N PHE A 52 2.21 0.81 11.17
CA PHE A 52 1.60 0.63 9.87
C PHE A 52 2.65 0.75 8.78
N PRO A 53 2.44 0.08 7.68
CA PRO A 53 3.37 0.17 6.58
C PRO A 53 3.32 1.51 5.93
N ASP A 54 4.47 2.19 5.91
CA ASP A 54 4.59 3.53 5.33
C ASP A 54 4.50 3.51 3.83
N ASN A 55 4.36 2.33 3.24
CA ASN A 55 4.23 2.23 1.81
C ASN A 55 2.99 2.94 1.38
N PHE A 56 1.93 2.78 2.18
CA PHE A 56 0.65 3.38 1.89
C PHE A 56 0.64 4.88 2.18
N VAL A 57 1.79 5.45 2.49
CA VAL A 57 1.87 6.88 2.77
C VAL A 57 3.10 7.45 2.06
N LYS A 58 3.10 8.75 1.85
CA LYS A 58 4.23 9.42 1.23
C LYS A 58 4.50 10.71 1.96
N LEU A 59 5.77 11.11 2.04
CA LEU A 59 6.13 12.29 2.76
C LEU A 59 6.02 13.45 1.83
N LEU A 60 5.42 14.55 2.31
CA LEU A 60 5.32 15.69 1.45
C LEU A 60 6.55 16.51 1.71
N PRO A 61 7.24 16.86 0.66
CA PRO A 61 8.47 17.56 0.81
C PRO A 61 8.37 18.92 1.43
N PRO A 62 7.33 19.68 1.22
CA PRO A 62 7.31 20.97 1.86
C PRO A 62 6.72 20.83 3.21
N MET B 1 -2.15 -2.58 -21.55
CA MET B 1 -1.22 -1.61 -20.90
C MET B 1 -0.52 -2.29 -19.73
N GLN B 2 0.69 -1.83 -19.42
CA GLN B 2 1.47 -2.40 -18.33
C GLN B 2 1.32 -1.54 -17.07
N ILE B 3 1.22 -2.24 -15.93
CA ILE B 3 1.10 -1.60 -14.64
C ILE B 3 2.29 -2.00 -13.74
N PHE B 4 2.51 -1.27 -12.65
CA PHE B 4 3.64 -1.56 -11.75
C PHE B 4 3.16 -1.86 -10.35
N VAL B 5 3.77 -2.85 -9.70
CA VAL B 5 3.42 -3.21 -8.32
C VAL B 5 4.67 -3.09 -7.45
N LYS B 6 4.59 -2.28 -6.38
CA LYS B 6 5.73 -2.11 -5.47
C LYS B 6 5.55 -2.95 -4.21
N THR B 7 6.63 -3.58 -3.77
CA THR B 7 6.63 -4.39 -2.55
C THR B 7 6.77 -3.51 -1.29
N LEU B 8 7.32 -4.11 -0.22
CA LEU B 8 7.51 -3.40 1.05
C LEU B 8 8.61 -2.35 0.97
N THR B 9 9.67 -2.63 0.20
CA THR B 9 10.78 -1.67 0.09
C THR B 9 10.63 -0.81 -1.17
N GLY B 10 9.53 -1.01 -1.91
CA GLY B 10 9.26 -0.20 -3.09
C GLY B 10 9.79 -0.80 -4.39
N LYS B 11 10.13 -2.09 -4.36
CA LYS B 11 10.66 -2.80 -5.54
C LYS B 11 9.79 -2.57 -6.78
N THR B 12 10.36 -2.73 -7.96
CA THR B 12 9.60 -2.47 -9.20
C THR B 12 9.26 -3.81 -9.85
N ILE B 13 7.98 -4.00 -10.17
CA ILE B 13 7.53 -5.24 -10.81
C ILE B 13 6.72 -4.94 -12.07
N THR B 14 7.16 -5.48 -13.21
CA THR B 14 6.45 -5.25 -14.48
C THR B 14 5.62 -6.48 -14.81
N LEU B 15 4.35 -6.27 -15.15
CA LEU B 15 3.46 -7.39 -15.47
C LEU B 15 2.79 -7.18 -16.82
N GLU B 16 2.48 -8.28 -17.51
CA GLU B 16 1.77 -8.22 -18.78
C GLU B 16 0.32 -8.61 -18.47
N VAL B 17 -0.62 -7.71 -18.78
CA VAL B 17 -2.03 -7.97 -18.50
C VAL B 17 -2.92 -7.50 -19.63
N GLU B 18 -4.18 -7.92 -19.56
CA GLU B 18 -5.19 -7.51 -20.54
C GLU B 18 -6.27 -6.74 -19.77
N PRO B 19 -6.95 -5.77 -20.34
CA PRO B 19 -7.98 -5.01 -19.59
C PRO B 19 -9.06 -5.91 -19.00
N SER B 20 -9.26 -7.08 -19.62
CA SER B 20 -10.28 -8.02 -19.17
C SER B 20 -9.77 -8.93 -18.05
N ASP B 21 -8.50 -8.79 -17.68
CA ASP B 21 -7.97 -9.61 -16.59
C ASP B 21 -8.59 -9.12 -15.29
N THR B 22 -8.87 -10.08 -14.41
CA THR B 22 -9.43 -9.78 -13.11
C THR B 22 -8.30 -9.51 -12.13
N ILE B 23 -8.63 -8.79 -11.06
CA ILE B 23 -7.68 -8.47 -10.03
C ILE B 23 -7.14 -9.74 -9.37
N GLU B 24 -8.02 -10.73 -9.16
CA GLU B 24 -7.59 -12.00 -8.58
C GLU B 24 -6.55 -12.63 -9.49
N ASN B 25 -6.74 -12.48 -10.79
CA ASN B 25 -5.79 -13.04 -11.75
C ASN B 25 -4.45 -12.32 -11.63
N VAL B 26 -4.51 -11.00 -11.50
CA VAL B 26 -3.28 -10.21 -11.36
C VAL B 26 -2.54 -10.66 -10.10
N LYS B 27 -3.27 -10.89 -9.00
CA LYS B 27 -2.66 -11.32 -7.76
C LYS B 27 -1.94 -12.65 -8.00
N ALA B 28 -2.59 -13.52 -8.78
CA ALA B 28 -2.02 -14.83 -9.07
C ALA B 28 -0.70 -14.70 -9.80
N LYS B 29 -0.61 -13.73 -10.71
CA LYS B 29 0.61 -13.50 -11.45
C LYS B 29 1.72 -13.05 -10.50
N ILE B 30 1.35 -12.19 -9.52
CA ILE B 30 2.30 -11.72 -8.51
C ILE B 30 2.77 -12.89 -7.65
N GLN B 31 1.87 -13.80 -7.29
CA GLN B 31 2.23 -14.95 -6.47
C GLN B 31 3.29 -15.77 -7.19
N ASP B 32 3.07 -15.96 -8.48
CA ASP B 32 3.99 -16.75 -9.29
C ASP B 32 5.38 -16.12 -9.30
N LYS B 33 5.42 -14.79 -9.39
CA LYS B 33 6.69 -14.06 -9.47
C LYS B 33 7.37 -13.84 -8.11
N GLU B 34 6.59 -13.49 -7.07
CA GLU B 34 7.18 -13.15 -5.76
C GLU B 34 6.93 -14.14 -4.62
N GLY B 35 5.98 -15.06 -4.81
CA GLY B 35 5.70 -16.07 -3.79
C GLY B 35 4.78 -15.56 -2.66
N ILE B 36 4.20 -14.39 -2.87
CA ILE B 36 3.31 -13.80 -1.87
C ILE B 36 1.88 -14.35 -2.06
N PRO B 37 1.31 -15.08 -1.11
CA PRO B 37 -0.08 -15.60 -1.29
C PRO B 37 -1.13 -14.49 -1.53
N PRO B 38 -2.03 -14.64 -2.49
CA PRO B 38 -3.08 -13.60 -2.79
C PRO B 38 -3.86 -13.09 -1.57
N ASP B 39 -4.08 -13.92 -0.56
CA ASP B 39 -4.85 -13.47 0.60
C ASP B 39 -4.07 -12.46 1.45
N GLN B 40 -2.76 -12.38 1.24
CA GLN B 40 -1.93 -11.44 2.00
C GLN B 40 -1.63 -10.17 1.21
N GLN B 41 -2.25 -10.04 0.05
CA GLN B 41 -2.02 -8.89 -0.82
C GLN B 41 -3.21 -7.92 -0.82
N ARG B 42 -2.91 -6.64 -0.64
CA ARG B 42 -3.92 -5.58 -0.67
C ARG B 42 -3.57 -4.65 -1.82
N LEU B 43 -4.43 -4.60 -2.82
CA LEU B 43 -4.15 -3.78 -4.02
C LEU B 43 -4.91 -2.46 -3.96
N ILE B 44 -4.18 -1.35 -4.17
CA ILE B 44 -4.78 -0.01 -4.15
C ILE B 44 -4.03 0.94 -5.08
N PHE B 45 -4.78 1.69 -5.89
CA PHE B 45 -4.20 2.66 -6.82
C PHE B 45 -4.82 4.04 -6.60
N ALA B 46 -3.97 5.09 -6.66
CA ALA B 46 -4.45 6.45 -6.45
C ALA B 46 -5.26 6.58 -5.17
N GLY B 47 -4.83 5.89 -4.11
CA GLY B 47 -5.51 5.96 -2.83
C GLY B 47 -6.93 5.41 -2.79
N LYS B 48 -7.28 4.54 -3.73
CA LYS B 48 -8.64 3.96 -3.75
C LYS B 48 -8.61 2.45 -3.50
N GLN B 49 -9.50 1.98 -2.62
CA GLN B 49 -9.63 0.55 -2.35
C GLN B 49 -10.13 -0.22 -3.58
N LEU B 50 -9.33 -1.17 -4.07
CA LEU B 50 -9.70 -1.96 -5.25
C LEU B 50 -10.47 -3.22 -4.87
N GLU B 51 -11.65 -3.38 -5.47
CA GLU B 51 -12.50 -4.55 -5.23
C GLU B 51 -12.36 -5.59 -6.34
N ASP B 52 -12.54 -6.87 -5.95
CA ASP B 52 -12.38 -7.98 -6.88
C ASP B 52 -13.46 -8.07 -7.96
N GLY B 53 -14.61 -7.43 -7.75
CA GLY B 53 -15.69 -7.47 -8.75
C GLY B 53 -15.68 -6.26 -9.69
N ARG B 54 -14.66 -5.42 -9.57
CA ARG B 54 -14.56 -4.22 -10.43
C ARG B 54 -13.37 -4.32 -11.41
N THR B 55 -13.37 -3.46 -12.45
CA THR B 55 -12.30 -3.47 -13.46
C THR B 55 -11.33 -2.30 -13.31
N LEU B 56 -10.20 -2.41 -14.01
CA LEU B 56 -9.19 -1.36 -13.99
C LEU B 56 -9.76 -0.04 -14.51
N SER B 57 -10.56 -0.10 -15.58
CA SER B 57 -11.13 1.13 -16.14
C SER B 57 -12.01 1.85 -15.14
N ASP B 58 -12.66 1.10 -14.27
CA ASP B 58 -13.54 1.70 -13.27
C ASP B 58 -12.76 2.62 -12.34
N TYR B 59 -11.46 2.32 -12.15
CA TYR B 59 -10.61 3.14 -11.27
C TYR B 59 -9.76 4.11 -12.08
N ASN B 60 -10.10 4.30 -13.35
CA ASN B 60 -9.38 5.21 -14.25
C ASN B 60 -7.87 4.98 -14.22
N ILE B 61 -7.47 3.71 -14.16
CA ILE B 61 -6.05 3.37 -14.17
C ILE B 61 -5.56 3.40 -15.61
N GLN B 62 -4.52 4.21 -15.88
CA GLN B 62 -3.99 4.38 -17.23
C GLN B 62 -2.63 3.69 -17.41
N LYS B 63 -2.19 3.61 -18.67
CA LYS B 63 -0.93 2.93 -18.95
C LYS B 63 0.19 3.46 -18.07
N GLU B 64 1.06 2.54 -17.64
CA GLU B 64 2.19 2.85 -16.77
C GLU B 64 1.76 3.30 -15.38
N SER B 65 0.56 2.93 -14.97
CA SER B 65 0.09 3.24 -13.62
C SER B 65 0.77 2.27 -12.66
N THR B 66 1.04 2.77 -11.44
CA THR B 66 1.69 2.00 -10.38
C THR B 66 0.86 2.00 -9.09
N LEU B 67 0.75 0.84 -8.45
CA LEU B 67 -0.01 0.70 -7.20
C LEU B 67 0.94 0.40 -6.04
N HIS B 68 0.38 0.11 -4.87
CA HIS B 68 1.18 -0.23 -3.70
C HIS B 68 0.62 -1.48 -3.04
N LEU B 69 1.48 -2.21 -2.34
CA LEU B 69 1.07 -3.45 -1.68
C LEU B 69 1.43 -3.44 -0.19
N VAL B 70 0.74 -4.27 0.58
CA VAL B 70 0.99 -4.37 2.02
C VAL B 70 1.50 -5.77 2.36
N LEU B 71 2.47 -5.82 3.29
CA LEU B 71 3.06 -7.09 3.71
C LEU B 71 3.48 -7.03 5.17
N ARG B 72 2.83 -7.84 6.01
CA ARG B 72 3.16 -7.89 7.43
C ARG B 72 4.36 -8.82 7.65
N LEU B 73 5.55 -8.25 7.53
CA LEU B 73 6.80 -9.01 7.69
C LEU B 73 7.90 -8.08 8.19
N ARG B 74 9.16 -8.48 7.97
CA ARG B 74 10.30 -7.67 8.37
C ARG B 74 11.30 -7.54 7.23
N GLY B 75 10.83 -7.76 6.01
CA GLY B 75 11.70 -7.66 4.85
C GLY B 75 11.13 -8.37 3.63
N CYS B 76 10.63 -7.59 2.67
CA CYS B 76 10.08 -8.13 1.44
C CYS B 76 10.41 -7.23 0.25
N LYS A 1 10.05 22.18 11.67
CA LYS A 1 9.75 21.98 13.11
C LYS A 1 10.36 20.72 13.61
N SER A 2 10.16 20.45 14.91
CA SER A 2 10.73 19.31 15.54
C SER A 2 10.17 18.04 14.98
N LYS A 3 8.83 17.85 15.01
CA LYS A 3 8.24 16.63 14.53
C LYS A 3 7.90 16.78 13.08
N ASP A 4 7.60 15.63 12.42
CA ASP A 4 7.31 15.62 11.02
C ASP A 4 5.85 15.28 10.81
N TYR A 5 5.16 16.02 9.92
CA TYR A 5 3.79 15.73 9.60
C TYR A 5 3.75 15.12 8.23
N CYS A 6 2.97 14.02 8.08
CA CYS A 6 2.90 13.30 6.85
C CYS A 6 1.46 13.11 6.47
N LYS A 7 1.13 13.35 5.18
CA LYS A 7 -0.22 13.18 4.69
C LYS A 7 -0.35 11.79 4.15
N VAL A 8 -1.48 11.09 4.47
CA VAL A 8 -1.59 9.75 3.98
C VAL A 8 -2.49 9.68 2.78
N ILE A 9 -1.92 9.29 1.63
CA ILE A 9 -2.71 9.21 0.39
C ILE A 9 -3.50 7.89 0.29
N PHE A 10 -2.88 6.78 0.68
CA PHE A 10 -3.56 5.48 0.61
C PHE A 10 -4.04 5.05 2.00
N PRO A 11 -5.35 4.80 2.16
CA PRO A 11 -5.91 4.38 3.45
C PRO A 11 -5.46 2.98 3.85
N TYR A 12 -5.56 2.69 5.13
CA TYR A 12 -5.16 1.39 5.66
C TYR A 12 -6.32 0.75 6.40
N GLU A 13 -7.16 0.04 5.68
CA GLU A 13 -8.30 -0.64 6.27
C GLU A 13 -7.82 -1.57 7.37
N ALA A 14 -8.24 -1.28 8.61
CA ALA A 14 -7.87 -2.04 9.81
C ALA A 14 -7.63 -3.51 9.53
N GLN A 15 -6.36 -3.88 9.36
CA GLN A 15 -5.98 -5.23 9.10
C GLN A 15 -5.79 -5.96 10.39
N ASN A 16 -5.21 -5.30 11.39
CA ASN A 16 -4.94 -6.00 12.65
C ASN A 16 -5.04 -5.06 13.85
N ASP A 17 -4.89 -5.64 15.04
CA ASP A 17 -4.93 -4.89 16.29
C ASP A 17 -3.58 -4.25 16.57
N ASP A 18 -2.52 -4.95 16.16
CA ASP A 18 -1.15 -4.46 16.34
C ASP A 18 -0.78 -3.43 15.29
N GLU A 19 -1.71 -3.18 14.36
CA GLU A 19 -1.51 -2.22 13.32
C GLU A 19 -2.40 -1.04 13.54
N LEU A 20 -1.90 0.14 13.12
CA LEU A 20 -2.62 1.41 13.30
C LEU A 20 -3.58 1.63 12.15
N THR A 21 -4.81 2.07 12.43
CA THR A 21 -5.73 2.23 11.35
C THR A 21 -5.70 3.66 10.92
N ILE A 22 -5.42 3.89 9.62
CA ILE A 22 -5.34 5.22 9.08
C ILE A 22 -6.23 5.31 7.88
N LYS A 23 -6.89 6.46 7.70
CA LYS A 23 -7.80 6.67 6.57
C LYS A 23 -7.24 7.81 5.73
N GLU A 24 -7.64 7.89 4.46
CA GLU A 24 -7.03 8.86 3.61
C GLU A 24 -7.58 10.20 3.94
N GLY A 25 -6.70 11.21 3.92
CA GLY A 25 -7.12 12.55 4.22
C GLY A 25 -6.84 12.89 5.66
N ASP A 26 -5.90 12.17 6.31
CA ASP A 26 -5.56 12.50 7.67
C ASP A 26 -4.07 12.59 7.80
N ILE A 27 -3.60 13.43 8.76
CA ILE A 27 -2.21 13.66 9.00
C ILE A 27 -1.86 13.02 10.31
N VAL A 28 -0.72 12.28 10.35
CA VAL A 28 -0.31 11.64 11.56
C VAL A 28 1.06 12.11 11.92
N THR A 29 1.28 12.44 13.20
CA THR A 29 2.56 12.96 13.59
C THR A 29 3.46 11.81 13.90
N LEU A 30 4.64 11.79 13.25
CA LEU A 30 5.57 10.71 13.41
C LEU A 30 6.18 10.80 14.77
N ILE A 31 5.87 9.80 15.63
CA ILE A 31 6.38 9.72 16.96
C ILE A 31 7.82 9.28 16.96
N ASN A 32 8.13 8.15 16.27
CA ASN A 32 9.50 7.68 16.28
C ASN A 32 9.72 6.91 15.01
N LYS A 33 10.97 6.92 14.50
CA LYS A 33 11.29 6.23 13.27
C LYS A 33 11.49 4.77 13.51
N ASP A 34 11.45 3.99 12.41
CA ASP A 34 11.59 2.55 12.40
C ASP A 34 13.03 2.19 12.26
N CYS A 35 13.31 0.89 12.38
CA CYS A 35 14.66 0.34 12.22
C CYS A 35 15.21 0.62 10.80
N ILE A 36 16.15 -0.21 10.34
CA ILE A 36 16.79 -0.01 9.04
C ILE A 36 15.83 -0.15 7.85
N ASP A 37 15.06 -1.25 7.81
CA ASP A 37 14.13 -1.51 6.70
C ASP A 37 13.15 -0.34 6.47
N VAL A 38 13.19 0.22 5.26
CA VAL A 38 12.31 1.32 4.90
C VAL A 38 11.01 0.78 4.31
N GLY A 39 9.95 0.86 5.09
CA GLY A 39 8.65 0.39 4.67
C GLY A 39 7.69 0.34 5.83
N TRP A 40 8.25 0.44 7.04
CA TRP A 40 7.47 0.43 8.26
C TRP A 40 7.79 1.64 9.13
N TRP A 41 6.84 2.02 9.97
CA TRP A 41 6.96 3.15 10.90
C TRP A 41 5.88 3.03 11.97
N GLU A 42 5.73 4.08 12.77
CA GLU A 42 4.71 4.11 13.78
C GLU A 42 4.23 5.52 13.93
N GLY A 43 2.91 5.69 14.17
CA GLY A 43 2.35 6.98 14.35
C GLY A 43 1.12 6.86 15.21
N GLU A 44 0.58 8.01 15.69
CA GLU A 44 -0.59 7.94 16.52
C GLU A 44 -1.75 8.54 15.81
N LEU A 45 -2.87 7.81 15.77
CA LEU A 45 -4.05 8.32 15.14
C LEU A 45 -5.23 7.87 15.94
N ASN A 46 -6.18 8.80 16.18
CA ASN A 46 -7.37 8.45 16.89
C ASN A 46 -7.01 7.85 18.21
N GLY A 47 -5.96 8.39 18.87
CA GLY A 47 -5.61 7.94 20.18
C GLY A 47 -5.13 6.52 20.15
N ARG A 48 -4.43 6.10 19.08
CA ARG A 48 -3.97 4.75 19.04
C ARG A 48 -2.52 4.74 18.65
N ARG A 49 -1.82 3.64 18.95
CA ARG A 49 -0.45 3.55 18.51
C ARG A 49 -0.28 2.25 17.81
N GLY A 50 0.22 2.31 16.55
CA GLY A 50 0.37 1.10 15.79
C GLY A 50 1.26 1.38 14.62
N VAL A 51 1.76 0.29 14.01
CA VAL A 51 2.67 0.35 12.86
C VAL A 51 1.93 0.24 11.53
N PHE A 52 2.49 0.83 10.47
CA PHE A 52 1.87 0.77 9.18
C PHE A 52 2.89 0.88 8.09
N PRO A 53 2.62 0.28 6.94
CA PRO A 53 3.54 0.39 5.84
C PRO A 53 3.57 1.76 5.27
N ASP A 54 4.77 2.35 5.26
CA ASP A 54 4.98 3.71 4.76
C ASP A 54 4.84 3.79 3.25
N ASN A 55 4.87 2.64 2.58
CA ASN A 55 4.73 2.64 1.15
C ASN A 55 3.40 3.22 0.78
N PHE A 56 2.39 2.83 1.55
CA PHE A 56 1.01 3.28 1.33
C PHE A 56 0.87 4.78 1.51
N VAL A 57 1.97 5.46 1.84
CA VAL A 57 1.95 6.91 2.03
C VAL A 57 3.16 7.52 1.36
N LYS A 58 3.19 8.84 1.30
CA LYS A 58 4.31 9.57 0.71
C LYS A 58 4.50 10.87 1.47
N LEU A 59 5.75 11.31 1.60
CA LEU A 59 6.04 12.50 2.33
C LEU A 59 5.94 13.65 1.38
N LEU A 60 5.29 14.74 1.82
CA LEU A 60 5.20 15.86 0.94
C LEU A 60 6.39 16.72 1.26
N PRO A 61 7.12 17.08 0.24
CA PRO A 61 8.33 17.83 0.46
C PRO A 61 8.15 19.19 1.06
N PRO A 62 7.11 19.92 0.79
CA PRO A 62 7.02 21.20 1.42
C PRO A 62 6.35 21.06 2.73
N MET B 1 -2.84 -1.99 -21.32
CA MET B 1 -1.92 -1.01 -20.67
C MET B 1 -1.10 -1.72 -19.60
N GLN B 2 0.10 -1.21 -19.34
CA GLN B 2 0.98 -1.80 -18.33
C GLN B 2 0.87 -1.04 -17.02
N ILE B 3 0.88 -1.81 -15.93
CA ILE B 3 0.82 -1.25 -14.57
C ILE B 3 2.07 -1.68 -13.78
N PHE B 4 2.35 -0.99 -12.68
CA PHE B 4 3.53 -1.30 -11.86
C PHE B 4 3.15 -1.66 -10.44
N VAL B 5 3.80 -2.67 -9.87
CA VAL B 5 3.55 -3.08 -8.48
C VAL B 5 4.85 -2.97 -7.69
N LYS B 6 4.84 -2.20 -6.59
CA LYS B 6 6.03 -2.05 -5.76
C LYS B 6 5.93 -2.94 -4.51
N THR B 7 7.05 -3.57 -4.16
CA THR B 7 7.11 -4.41 -2.96
C THR B 7 7.23 -3.58 -1.68
N LEU B 8 7.74 -4.20 -0.63
CA LEU B 8 7.91 -3.55 0.66
C LEU B 8 8.98 -2.46 0.62
N THR B 9 10.05 -2.70 -0.12
CA THR B 9 11.14 -1.72 -0.21
C THR B 9 11.00 -0.80 -1.42
N GLY B 10 9.90 -0.98 -2.17
CA GLY B 10 9.61 -0.12 -3.32
C GLY B 10 10.16 -0.66 -4.64
N LYS B 11 10.52 -1.96 -4.67
CA LYS B 11 11.06 -2.59 -5.88
C LYS B 11 10.17 -2.34 -7.09
N THR B 12 10.73 -2.46 -8.29
CA THR B 12 9.96 -2.18 -9.51
C THR B 12 9.64 -3.49 -10.21
N ILE B 13 8.35 -3.68 -10.52
CA ILE B 13 7.89 -4.90 -11.20
C ILE B 13 7.05 -4.56 -12.43
N THR B 14 7.49 -5.04 -13.60
CA THR B 14 6.75 -4.77 -14.83
C THR B 14 5.95 -6.01 -15.20
N LEU B 15 4.66 -5.83 -15.51
CA LEU B 15 3.80 -6.96 -15.86
C LEU B 15 3.09 -6.71 -17.18
N GLU B 16 2.80 -7.79 -17.92
CA GLU B 16 2.05 -7.68 -19.17
C GLU B 16 0.63 -8.14 -18.85
N VAL B 17 -0.33 -7.26 -19.10
CA VAL B 17 -1.73 -7.59 -18.80
C VAL B 17 -2.67 -7.08 -19.89
N GLU B 18 -3.91 -7.54 -19.81
CA GLU B 18 -4.96 -7.13 -20.74
C GLU B 18 -6.04 -6.43 -19.91
N PRO B 19 -6.76 -5.45 -20.43
CA PRO B 19 -7.80 -4.78 -19.61
C PRO B 19 -8.85 -5.73 -19.05
N SER B 20 -9.01 -6.88 -19.72
CA SER B 20 -9.99 -7.88 -19.29
C SER B 20 -9.43 -8.81 -18.22
N ASP B 21 -8.15 -8.65 -17.87
CA ASP B 21 -7.57 -9.51 -16.84
C ASP B 21 -8.17 -9.09 -15.51
N THR B 22 -8.41 -10.11 -14.67
CA THR B 22 -8.94 -9.89 -13.34
C THR B 22 -7.80 -9.63 -12.37
N ILE B 23 -8.13 -8.97 -11.27
CA ILE B 23 -7.16 -8.66 -10.23
C ILE B 23 -6.58 -9.96 -9.66
N GLU B 24 -7.42 -10.98 -9.48
CA GLU B 24 -6.93 -12.26 -8.96
C GLU B 24 -5.88 -12.81 -9.93
N ASN B 25 -6.12 -12.61 -11.22
CA ASN B 25 -5.18 -13.09 -12.23
C ASN B 25 -3.87 -12.33 -12.09
N VAL B 26 -3.95 -11.02 -11.91
CA VAL B 26 -2.76 -10.19 -11.75
C VAL B 26 -1.96 -10.67 -10.52
N LYS B 27 -2.67 -10.99 -9.42
CA LYS B 27 -2.01 -11.47 -8.22
C LYS B 27 -1.26 -12.75 -8.54
N ALA B 28 -1.89 -13.61 -9.35
CA ALA B 28 -1.28 -14.88 -9.71
C ALA B 28 0.02 -14.67 -10.47
N LYS B 29 0.04 -13.66 -11.33
CA LYS B 29 1.25 -13.35 -12.09
C LYS B 29 2.36 -12.90 -11.13
N ILE B 30 1.98 -12.12 -10.10
CA ILE B 30 2.94 -11.66 -9.10
C ILE B 30 3.47 -12.85 -8.31
N GLN B 31 2.60 -13.80 -7.98
CA GLN B 31 3.03 -14.98 -7.22
C GLN B 31 4.10 -15.73 -8.01
N ASP B 32 3.85 -15.87 -9.29
CA ASP B 32 4.77 -16.58 -10.16
C ASP B 32 6.14 -15.90 -10.17
N LYS B 33 6.14 -14.57 -10.20
CA LYS B 33 7.38 -13.80 -10.26
C LYS B 33 8.08 -13.63 -8.90
N GLU B 34 7.33 -13.35 -7.84
CA GLU B 34 7.93 -13.05 -6.53
C GLU B 34 7.74 -14.10 -5.43
N GLY B 35 6.82 -15.04 -5.64
CA GLY B 35 6.59 -16.11 -4.67
C GLY B 35 5.69 -15.69 -3.50
N ILE B 36 5.07 -14.53 -3.64
CA ILE B 36 4.17 -14.01 -2.59
C ILE B 36 2.76 -14.60 -2.78
N PRO B 37 2.23 -15.38 -1.86
CA PRO B 37 0.86 -15.96 -2.02
C PRO B 37 -0.23 -14.86 -2.18
N PRO B 38 -1.15 -15.01 -3.13
CA PRO B 38 -2.24 -13.99 -3.37
C PRO B 38 -3.01 -13.56 -2.10
N ASP B 39 -3.18 -14.45 -1.13
CA ASP B 39 -3.93 -14.08 0.07
C ASP B 39 -3.17 -13.09 0.95
N GLN B 40 -1.87 -12.95 0.71
CA GLN B 40 -1.05 -12.03 1.50
C GLN B 40 -0.81 -10.71 0.77
N GLN B 41 -1.46 -10.54 -0.38
CA GLN B 41 -1.27 -9.35 -1.19
C GLN B 41 -2.44 -8.37 -1.07
N ARG B 42 -2.14 -7.14 -0.64
CA ARG B 42 -3.14 -6.09 -0.56
C ARG B 42 -2.93 -5.13 -1.72
N LEU B 43 -3.91 -5.07 -2.61
CA LEU B 43 -3.81 -4.23 -3.81
C LEU B 43 -4.62 -2.95 -3.65
N ILE B 44 -3.96 -1.80 -3.88
CA ILE B 44 -4.61 -0.50 -3.76
C ILE B 44 -3.95 0.55 -4.65
N PHE B 45 -4.74 1.28 -5.43
CA PHE B 45 -4.23 2.32 -6.33
C PHE B 45 -4.93 3.65 -6.05
N ALA B 46 -4.17 4.76 -6.14
CA ALA B 46 -4.72 6.09 -5.89
C ALA B 46 -5.49 6.14 -4.57
N GLY B 47 -4.98 5.46 -3.56
CA GLY B 47 -5.62 5.46 -2.25
C GLY B 47 -7.04 4.94 -2.23
N LYS B 48 -7.38 4.04 -3.13
CA LYS B 48 -8.73 3.44 -3.11
C LYS B 48 -8.68 1.93 -2.92
N GLN B 49 -9.53 1.44 -2.04
CA GLN B 49 -9.67 0.00 -1.79
C GLN B 49 -10.17 -0.74 -3.03
N LEU B 50 -9.34 -1.61 -3.61
CA LEU B 50 -9.72 -2.35 -4.81
C LEU B 50 -10.46 -3.63 -4.47
N GLU B 51 -11.65 -3.80 -5.06
CA GLU B 51 -12.47 -5.00 -4.84
C GLU B 51 -12.33 -5.99 -6.00
N ASP B 52 -12.48 -7.29 -5.66
CA ASP B 52 -12.32 -8.35 -6.64
C ASP B 52 -13.44 -8.42 -7.69
N GLY B 53 -14.59 -7.82 -7.41
CA GLY B 53 -15.72 -7.85 -8.36
C GLY B 53 -15.77 -6.60 -9.24
N ARG B 54 -14.76 -5.73 -9.14
CA ARG B 54 -14.72 -4.50 -9.94
C ARG B 54 -13.58 -4.52 -10.96
N THR B 55 -13.63 -3.62 -11.96
CA THR B 55 -12.60 -3.56 -13.01
C THR B 55 -11.66 -2.37 -12.84
N LEU B 56 -10.55 -2.42 -13.60
CA LEU B 56 -9.55 -1.35 -13.57
C LEU B 56 -10.18 -0.02 -14.01
N SER B 57 -11.02 -0.05 -15.06
CA SER B 57 -11.63 1.18 -15.53
C SER B 57 -12.51 1.83 -14.46
N ASP B 58 -13.10 1.03 -13.61
CA ASP B 58 -13.95 1.56 -12.55
C ASP B 58 -13.16 2.47 -11.61
N TYR B 59 -11.85 2.18 -11.47
CA TYR B 59 -10.99 2.98 -10.60
C TYR B 59 -10.19 4.02 -11.39
N ASN B 60 -10.58 4.26 -12.64
CA ASN B 60 -9.91 5.22 -13.51
C ASN B 60 -8.40 5.02 -13.56
N ILE B 61 -7.97 3.76 -13.57
CA ILE B 61 -6.54 3.46 -13.64
C ILE B 61 -6.10 3.57 -15.11
N GLN B 62 -5.10 4.42 -15.37
CA GLN B 62 -4.62 4.66 -16.73
C GLN B 62 -3.26 4.01 -16.98
N LYS B 63 -2.87 3.99 -18.26
CA LYS B 63 -1.60 3.36 -18.62
C LYS B 63 -0.45 3.88 -17.77
N GLU B 64 0.45 2.97 -17.40
CA GLU B 64 1.60 3.27 -16.56
C GLU B 64 1.21 3.65 -15.14
N SER B 65 0.04 3.22 -14.70
CA SER B 65 -0.38 3.46 -13.32
C SER B 65 0.36 2.46 -12.42
N THR B 66 0.67 2.92 -11.20
CA THR B 66 1.38 2.11 -10.21
C THR B 66 0.62 2.07 -8.88
N LEU B 67 0.54 0.87 -8.29
CA LEU B 67 -0.14 0.67 -7.01
C LEU B 67 0.89 0.40 -5.91
N HIS B 68 0.40 0.16 -4.69
CA HIS B 68 1.26 -0.12 -3.56
C HIS B 68 0.97 -1.51 -3.02
N LEU B 69 2.01 -2.18 -2.50
CA LEU B 69 1.85 -3.52 -1.95
C LEU B 69 2.94 -3.82 -0.92
N VAL B 70 2.52 -3.98 0.33
CA VAL B 70 3.46 -4.27 1.42
C VAL B 70 3.07 -5.57 2.13
N LEU B 71 4.06 -6.41 2.40
CA LEU B 71 3.84 -7.68 3.07
C LEU B 71 3.81 -7.51 4.58
N ARG B 72 2.78 -8.07 5.21
CA ARG B 72 2.63 -8.01 6.66
C ARG B 72 3.77 -8.75 7.34
N LEU B 73 4.33 -8.14 8.39
CA LEU B 73 5.43 -8.75 9.13
C LEU B 73 5.21 -8.61 10.63
N ARG B 74 5.17 -7.36 11.11
CA ARG B 74 4.96 -7.10 12.53
C ARG B 74 3.50 -6.75 12.81
N GLY B 75 2.65 -6.96 11.82
CA GLY B 75 1.23 -6.67 11.98
C GLY B 75 0.34 -7.82 11.58
N CYS B 76 0.81 -9.04 11.80
CA CYS B 76 0.05 -10.24 11.49
C CYS B 76 0.35 -11.37 12.47
#